data_3BJ8
#
_entry.id   3BJ8
#
_cell.length_a   77.250
_cell.length_b   97.120
_cell.length_c   105.500
_cell.angle_alpha   90.00
_cell.angle_beta   90.00
_cell.angle_gamma   90.00
#
_symmetry.space_group_name_H-M   'P 21 21 21'
#
loop_
_entity.id
_entity.type
_entity.pdbx_description
1 polymer 'Diamine acetyltransferase 1'
2 non-polymer 'COENZYME A'
3 non-polymer SPERMINE
4 water water
#
_entity_poly.entity_id   1
_entity_poly.type   'polypeptide(L)'
_entity_poly.pdbx_seq_one_letter_code
;MAKFKIRPATASDCSDILRLIKELAKYEYMEDQVILTEKDLQEDGFGEHPFYHCLVAEVPKEHWTPEGHSIVGFAMYYFT
YDPWIGKLLYLEDFFVMSDYRGFGIGSEILKNLSQVAMKCRCSSMHFLVAEWNEPSINFYKRRGASDLSSEEGWRLFKID
KEYLLKMAAEE
;
_entity_poly.pdbx_strand_id   A,B,C,D
#
loop_
_chem_comp.id
_chem_comp.type
_chem_comp.name
_chem_comp.formula
COA non-polymer 'COENZYME A' 'C21 H36 N7 O16 P3 S'
SPM non-polymer SPERMINE 'C10 H26 N4'
#
# COMPACT_ATOMS: atom_id res chain seq x y z
N LYS A 3 33.32 5.44 7.29
CA LYS A 3 33.30 5.78 8.73
C LYS A 3 32.35 4.86 9.51
N PHE A 4 31.06 4.87 9.16
CA PHE A 4 30.09 4.01 9.84
C PHE A 4 29.02 3.46 8.89
N LYS A 5 28.26 2.48 9.37
CA LYS A 5 27.21 1.87 8.58
C LYS A 5 26.02 1.42 9.44
N ILE A 6 24.81 1.82 9.04
CA ILE A 6 23.61 1.44 9.77
C ILE A 6 22.91 0.30 9.04
N ARG A 7 22.71 -0.81 9.75
CA ARG A 7 22.06 -1.99 9.19
C ARG A 7 21.13 -2.59 10.23
N PRO A 8 20.15 -3.41 9.79
CA PRO A 8 19.23 -4.03 10.75
C PRO A 8 20.05 -4.96 11.62
N ALA A 9 19.59 -5.21 12.84
CA ALA A 9 20.31 -6.10 13.76
C ALA A 9 20.07 -7.56 13.41
N THR A 10 20.87 -8.43 14.03
CA THR A 10 20.74 -9.88 13.84
C THR A 10 20.84 -10.49 15.24
N ALA A 11 20.51 -11.77 15.35
CA ALA A 11 20.58 -12.46 16.64
C ALA A 11 21.98 -12.32 17.22
N SER A 12 22.96 -12.12 16.34
CA SER A 12 24.37 -11.98 16.74
C SER A 12 24.67 -10.69 17.47
N ASP A 13 23.97 -9.62 17.12
CA ASP A 13 24.17 -8.30 17.75
C ASP A 13 23.46 -8.14 19.10
N CYS A 14 22.69 -9.14 19.53
CA CYS A 14 21.98 -8.99 20.79
C CYS A 14 22.88 -8.72 21.98
N SER A 15 24.08 -9.30 21.98
CA SER A 15 25.02 -9.09 23.06
C SER A 15 25.40 -7.61 23.14
N ASP A 16 25.49 -6.98 21.97
CA ASP A 16 25.84 -5.57 21.85
C ASP A 16 24.65 -4.67 22.16
N ILE A 17 23.46 -5.12 21.82
CA ILE A 17 22.27 -4.33 22.09
C ILE A 17 22.12 -4.25 23.60
N LEU A 18 22.33 -5.36 24.28
CA LEU A 18 22.23 -5.39 25.74
C LEU A 18 23.23 -4.42 26.36
N ARG A 19 24.47 -4.48 25.87
CA ARG A 19 25.55 -3.61 26.36
C ARG A 19 25.15 -2.14 26.24
N LEU A 20 24.55 -1.77 25.12
CA LEU A 20 24.12 -0.39 24.91
C LEU A 20 22.94 -0.08 25.82
N ILE A 21 22.05 -1.03 26.03
CA ILE A 21 20.91 -0.80 26.90
C ILE A 21 21.48 -0.43 28.28
N LYS A 22 22.46 -1.20 28.73
CA LYS A 22 23.06 -0.97 30.04
C LYS A 22 23.91 0.29 30.16
N GLU A 23 24.60 0.66 29.09
CA GLU A 23 25.43 1.84 29.12
C GLU A 23 24.55 3.08 29.21
N LEU A 24 23.34 2.97 28.65
CA LEU A 24 22.39 4.07 28.69
C LEU A 24 21.80 4.19 30.08
N ALA A 25 21.48 3.06 30.68
CA ALA A 25 20.91 3.02 32.03
C ALA A 25 21.92 3.51 33.04
N LYS A 26 23.20 3.35 32.73
CA LYS A 26 24.28 3.79 33.61
C LYS A 26 24.16 5.27 33.93
N TYR A 27 23.76 6.07 32.96
CA TYR A 27 23.62 7.50 33.17
C TYR A 27 22.69 7.81 34.33
N GLU A 28 21.84 6.84 34.67
CA GLU A 28 20.89 6.99 35.77
C GLU A 28 21.27 6.05 36.90
N TYR A 29 22.49 5.51 36.83
CA TYR A 29 23.00 4.58 37.83
C TYR A 29 22.00 3.45 38.10
N MET A 30 21.33 3.00 37.04
CA MET A 30 20.34 1.94 37.17
C MET A 30 20.60 0.78 36.20
N GLU A 31 21.87 0.51 35.92
CA GLU A 31 22.22 -0.57 35.02
C GLU A 31 21.88 -1.92 35.65
N ASP A 32 21.31 -1.90 36.84
CA ASP A 32 20.94 -3.14 37.53
C ASP A 32 19.45 -3.39 37.36
N GLN A 33 18.76 -2.43 36.76
CA GLN A 33 17.32 -2.53 36.52
C GLN A 33 17.08 -3.44 35.30
N VAL A 34 18.14 -3.68 34.55
CA VAL A 34 18.09 -4.53 33.38
C VAL A 34 18.08 -6.00 33.74
N ILE A 35 16.91 -6.60 33.77
CA ILE A 35 16.83 -8.03 34.09
C ILE A 35 16.90 -8.84 32.79
N LEU A 36 16.90 -8.15 31.65
CA LEU A 36 16.97 -8.82 30.36
C LEU A 36 18.38 -9.32 30.08
N THR A 37 18.46 -10.48 29.43
CA THR A 37 19.74 -11.09 29.10
C THR A 37 19.82 -11.26 27.60
N GLU A 38 21.01 -11.59 27.11
CA GLU A 38 21.19 -11.81 25.67
C GLU A 38 20.19 -12.84 25.17
N LYS A 39 19.90 -13.84 25.98
CA LYS A 39 18.95 -14.88 25.62
C LYS A 39 17.59 -14.28 25.29
N ASP A 40 17.10 -13.42 26.17
CA ASP A 40 15.81 -12.77 25.97
C ASP A 40 15.75 -11.98 24.67
N LEU A 41 16.72 -11.10 24.47
CA LEU A 41 16.75 -10.27 23.26
C LEU A 41 16.75 -11.13 22.01
N GLN A 42 17.47 -12.24 22.04
CA GLN A 42 17.52 -13.10 20.88
C GLN A 42 16.17 -13.77 20.63
N GLU A 43 15.56 -14.33 21.68
CA GLU A 43 14.27 -14.99 21.53
C GLU A 43 13.16 -13.99 21.21
N ASP A 44 13.12 -12.88 21.94
CA ASP A 44 12.11 -11.85 21.72
C ASP A 44 12.28 -11.16 20.38
N GLY A 45 13.52 -11.04 19.91
CA GLY A 45 13.76 -10.36 18.65
C GLY A 45 13.92 -11.21 17.41
N PHE A 46 14.43 -12.43 17.55
CA PHE A 46 14.63 -13.27 16.39
C PHE A 46 13.99 -14.65 16.48
N GLY A 47 12.87 -14.71 17.18
CA GLY A 47 12.12 -15.94 17.31
C GLY A 47 11.04 -15.93 16.23
N GLU A 48 10.02 -16.78 16.37
CA GLU A 48 8.95 -16.83 15.38
C GLU A 48 8.17 -15.51 15.31
N HIS A 49 8.26 -14.73 16.39
CA HIS A 49 7.56 -13.45 16.42
C HIS A 49 8.41 -12.35 17.00
N PRO A 50 8.80 -11.39 16.17
CA PRO A 50 9.64 -10.28 16.67
C PRO A 50 8.81 -9.29 17.50
N PHE A 51 9.20 -9.12 18.75
CA PHE A 51 8.52 -8.20 19.65
C PHE A 51 9.16 -6.82 19.60
N TYR A 52 10.22 -6.68 18.79
CA TYR A 52 10.89 -5.41 18.62
C TYR A 52 11.79 -5.52 17.39
N HIS A 53 12.34 -4.38 16.98
CA HIS A 53 13.20 -4.33 15.82
C HIS A 53 14.31 -3.38 16.18
N CYS A 54 15.53 -3.68 15.72
CA CYS A 54 16.67 -2.82 16.01
C CYS A 54 17.55 -2.50 14.81
N LEU A 55 18.06 -1.27 14.80
CA LEU A 55 18.99 -0.83 13.79
C LEU A 55 20.26 -0.58 14.58
N VAL A 56 21.38 -1.06 14.08
CA VAL A 56 22.66 -0.85 14.77
C VAL A 56 23.59 0.01 13.94
N ALA A 57 24.53 0.67 14.62
CA ALA A 57 25.51 1.51 13.96
C ALA A 57 26.82 0.74 14.05
N GLU A 58 27.38 0.38 12.90
CA GLU A 58 28.62 -0.38 12.87
C GLU A 58 29.80 0.39 12.25
N VAL A 59 30.91 0.41 12.98
CA VAL A 59 32.11 1.10 12.51
C VAL A 59 33.21 0.09 12.16
N PRO A 60 34.09 0.42 11.19
CA PRO A 60 35.18 -0.46 10.78
C PRO A 60 36.20 -0.67 11.90
N LYS A 61 36.97 -1.75 11.79
CA LYS A 61 37.97 -2.09 12.79
C LYS A 61 38.83 -0.91 13.22
N GLU A 62 39.11 -0.02 12.27
CA GLU A 62 39.93 1.16 12.55
C GLU A 62 39.30 2.04 13.64
N HIS A 63 37.98 1.98 13.77
CA HIS A 63 37.26 2.79 14.75
C HIS A 63 36.54 2.01 15.84
N TRP A 64 37.00 0.79 16.14
CA TRP A 64 36.38 0.01 17.20
C TRP A 64 36.57 0.74 18.51
N THR A 65 35.96 0.24 19.58
CA THR A 65 36.08 0.88 20.88
C THR A 65 37.24 0.25 21.64
N PRO A 66 37.62 0.85 22.78
CA PRO A 66 38.71 0.34 23.61
C PRO A 66 38.57 -1.15 23.93
N GLU A 67 37.34 -1.59 24.15
CA GLU A 67 37.08 -3.00 24.44
C GLU A 67 36.94 -3.84 23.16
N GLY A 68 37.05 -3.17 22.02
CA GLY A 68 36.97 -3.86 20.74
C GLY A 68 35.61 -4.17 20.19
N HIS A 69 34.67 -3.23 20.31
CA HIS A 69 33.32 -3.43 19.78
C HIS A 69 33.12 -2.61 18.52
N SER A 70 32.38 -3.17 17.56
CA SER A 70 32.12 -2.47 16.31
C SER A 70 30.76 -1.78 16.30
N ILE A 71 29.91 -2.11 17.27
CA ILE A 71 28.57 -1.51 17.38
C ILE A 71 28.57 -0.33 18.35
N VAL A 72 28.38 0.87 17.82
CA VAL A 72 28.40 2.07 18.65
C VAL A 72 27.07 2.78 18.84
N GLY A 73 25.98 2.16 18.41
CA GLY A 73 24.68 2.80 18.56
C GLY A 73 23.54 1.98 18.02
N PHE A 74 22.33 2.27 18.47
CA PHE A 74 21.15 1.54 18.02
C PHE A 74 19.85 2.30 18.20
N ALA A 75 18.79 1.72 17.67
CA ALA A 75 17.45 2.26 17.81
C ALA A 75 16.58 1.01 17.94
N MET A 76 15.69 1.03 18.93
CA MET A 76 14.80 -0.09 19.13
C MET A 76 13.38 0.44 18.88
N TYR A 77 12.63 -0.26 18.05
CA TYR A 77 11.28 0.20 17.76
C TYR A 77 10.29 -0.93 17.55
N TYR A 78 9.02 -0.58 17.47
CA TYR A 78 7.94 -1.54 17.23
C TYR A 78 6.71 -0.75 16.80
N PHE A 79 5.80 -1.42 16.10
CA PHE A 79 4.60 -0.75 15.62
C PHE A 79 3.47 -0.74 16.65
N THR A 80 2.83 0.41 16.77
CA THR A 80 1.72 0.57 17.69
C THR A 80 0.51 0.99 16.88
N TYR A 81 -0.61 1.15 17.57
CA TYR A 81 -1.83 1.54 16.89
C TYR A 81 -2.62 2.53 17.72
N ASP A 82 -3.18 3.53 17.04
CA ASP A 82 -3.99 4.53 17.69
C ASP A 82 -5.37 4.35 17.07
N PRO A 83 -6.40 4.14 17.90
CA PRO A 83 -7.75 3.95 17.35
C PRO A 83 -8.34 5.12 16.55
N TRP A 84 -7.75 6.30 16.67
CA TRP A 84 -8.25 7.45 15.94
C TRP A 84 -7.62 7.63 14.57
N ILE A 85 -6.31 7.36 14.46
CA ILE A 85 -5.60 7.54 13.20
C ILE A 85 -4.89 6.33 12.57
N GLY A 86 -4.72 5.25 13.32
CA GLY A 86 -4.09 4.09 12.72
C GLY A 86 -2.68 3.74 13.17
N LYS A 87 -2.01 2.90 12.38
CA LYS A 87 -0.68 2.44 12.72
C LYS A 87 0.41 3.50 12.81
N LEU A 88 1.22 3.38 13.85
CA LEU A 88 2.32 4.28 14.13
C LEU A 88 3.60 3.48 14.31
N LEU A 89 4.73 4.14 14.08
CA LEU A 89 6.01 3.50 14.30
C LEU A 89 6.45 4.10 15.63
N TYR A 90 6.68 3.25 16.61
CA TYR A 90 7.06 3.74 17.92
C TYR A 90 8.54 3.50 18.23
N LEU A 91 9.29 4.58 18.38
CA LEU A 91 10.72 4.49 18.67
C LEU A 91 10.88 4.39 20.20
N GLU A 92 11.20 3.19 20.67
CA GLU A 92 11.37 2.91 22.11
C GLU A 92 12.68 3.41 22.69
N ASP A 93 13.80 3.12 22.02
CA ASP A 93 15.11 3.55 22.49
C ASP A 93 15.97 4.01 21.34
N PHE A 94 16.84 4.97 21.62
CA PHE A 94 17.70 5.53 20.60
C PHE A 94 18.93 6.03 21.33
N PHE A 95 20.07 5.39 21.08
CA PHE A 95 21.31 5.75 21.74
C PHE A 95 22.53 5.55 20.87
N VAL A 96 23.52 6.43 21.06
CA VAL A 96 24.80 6.36 20.35
C VAL A 96 25.92 6.61 21.36
N MET A 97 26.87 5.69 21.45
CA MET A 97 27.97 5.85 22.39
C MET A 97 28.57 7.25 22.29
N SER A 98 28.78 7.86 23.46
CA SER A 98 29.30 9.23 23.57
C SER A 98 30.48 9.59 22.65
N ASP A 99 31.51 8.76 22.64
CA ASP A 99 32.68 9.03 21.81
C ASP A 99 32.31 9.04 20.32
N TYR A 100 31.16 8.47 19.99
CA TYR A 100 30.76 8.38 18.59
C TYR A 100 29.67 9.30 18.08
N ARG A 101 29.14 10.17 18.93
CA ARG A 101 28.10 11.09 18.46
C ARG A 101 28.71 12.37 17.90
N GLY A 102 28.01 13.01 16.98
CA GLY A 102 28.52 14.23 16.39
C GLY A 102 28.97 14.06 14.96
N PHE A 103 29.08 12.82 14.51
CA PHE A 103 29.52 12.51 13.14
C PHE A 103 28.37 12.30 12.17
N GLY A 104 27.16 12.10 12.69
CA GLY A 104 26.01 11.89 11.83
C GLY A 104 25.41 10.49 11.91
N ILE A 105 25.78 9.73 12.92
CA ILE A 105 25.25 8.37 13.09
C ILE A 105 23.75 8.39 13.43
N GLY A 106 23.36 9.24 14.37
CA GLY A 106 21.97 9.34 14.75
C GLY A 106 21.12 9.75 13.54
N SER A 107 21.56 10.78 12.83
CA SER A 107 20.82 11.24 11.66
C SER A 107 20.67 10.13 10.64
N GLU A 108 21.67 9.26 10.53
CA GLU A 108 21.61 8.14 9.61
C GLU A 108 20.56 7.12 10.10
N ILE A 109 20.51 6.89 11.42
CA ILE A 109 19.55 5.98 12.01
C ILE A 109 18.12 6.51 11.81
N LEU A 110 17.94 7.82 11.87
CA LEU A 110 16.62 8.42 11.70
C LEU A 110 16.16 8.35 10.25
N LYS A 111 17.11 8.35 9.32
CA LYS A 111 16.78 8.27 7.92
C LYS A 111 16.25 6.86 7.63
N ASN A 112 16.85 5.87 8.28
CA ASN A 112 16.45 4.47 8.13
C ASN A 112 15.08 4.24 8.80
N LEU A 113 14.92 4.69 10.04
CA LEU A 113 13.64 4.57 10.73
C LEU A 113 12.57 5.24 9.86
N SER A 114 12.93 6.35 9.22
CA SER A 114 11.99 7.04 8.35
C SER A 114 11.61 6.15 7.16
N GLN A 115 12.60 5.44 6.63
CA GLN A 115 12.36 4.54 5.50
C GLN A 115 11.47 3.37 5.91
N VAL A 116 11.59 2.93 7.16
CA VAL A 116 10.76 1.85 7.68
C VAL A 116 9.34 2.37 7.84
N ALA A 117 9.23 3.59 8.36
CA ALA A 117 7.94 4.21 8.57
C ALA A 117 7.20 4.37 7.25
N MET A 118 7.93 4.72 6.18
CA MET A 118 7.29 4.88 4.89
C MET A 118 6.91 3.52 4.33
N LYS A 119 7.73 2.51 4.59
CA LYS A 119 7.44 1.16 4.13
C LYS A 119 6.19 0.62 4.84
N CYS A 120 6.13 0.79 6.17
CA CYS A 120 4.98 0.35 6.96
C CYS A 120 3.76 1.15 6.51
N ARG A 121 4.04 2.33 5.99
CA ARG A 121 3.01 3.27 5.58
C ARG A 121 2.39 3.79 6.87
N CYS A 122 3.25 3.90 7.89
CA CYS A 122 2.88 4.39 9.21
C CYS A 122 2.66 5.91 9.05
N SER A 123 1.60 6.43 9.66
CA SER A 123 1.31 7.87 9.52
C SER A 123 2.18 8.78 10.39
N SER A 124 2.94 8.20 11.30
CA SER A 124 3.79 8.99 12.19
C SER A 124 4.73 8.12 13.05
N MET A 125 5.77 8.76 13.57
CA MET A 125 6.74 8.08 14.43
C MET A 125 6.73 8.77 15.80
N HIS A 126 6.32 8.04 16.83
CA HIS A 126 6.27 8.58 18.19
C HIS A 126 7.46 8.16 19.02
N PHE A 127 7.81 8.98 20.01
CA PHE A 127 8.95 8.70 20.88
C PHE A 127 8.97 9.67 22.06
N LEU A 128 9.60 9.25 23.15
CA LEU A 128 9.68 10.07 24.35
C LEU A 128 10.92 10.96 24.39
N VAL A 129 10.75 12.18 24.88
CA VAL A 129 11.86 13.14 24.98
C VAL A 129 11.89 13.73 26.40
N ALA A 130 13.10 13.82 26.98
CA ALA A 130 13.24 14.40 28.32
C ALA A 130 12.75 15.84 28.27
N GLU A 131 11.65 16.12 28.97
CA GLU A 131 11.04 17.44 29.01
C GLU A 131 11.98 18.61 29.34
N TRP A 132 12.94 18.33 30.22
CA TRP A 132 13.91 19.33 30.66
C TRP A 132 15.05 19.52 29.65
N ASN A 133 15.28 18.51 28.83
CA ASN A 133 16.35 18.53 27.84
C ASN A 133 16.11 19.44 26.64
N GLU A 134 16.72 20.62 26.68
CA GLU A 134 16.56 21.61 25.61
C GLU A 134 17.26 21.20 24.30
N PRO A 135 18.57 20.91 24.35
CA PRO A 135 19.26 20.52 23.11
C PRO A 135 18.55 19.38 22.38
N SER A 136 18.08 18.40 23.16
CA SER A 136 17.38 17.25 22.60
C SER A 136 16.10 17.69 21.89
N ILE A 137 15.24 18.40 22.62
CA ILE A 137 13.99 18.88 22.05
C ILE A 137 14.20 19.57 20.71
N ASN A 138 15.11 20.52 20.66
CA ASN A 138 15.39 21.26 19.45
C ASN A 138 15.98 20.36 18.37
N PHE A 139 16.78 19.37 18.78
CA PHE A 139 17.36 18.42 17.84
C PHE A 139 16.23 17.81 17.03
N TYR A 140 15.12 17.53 17.72
CA TYR A 140 13.95 16.95 17.07
C TYR A 140 13.10 17.99 16.37
N LYS A 141 12.85 19.13 17.02
CA LYS A 141 12.05 20.20 16.41
C LYS A 141 12.64 20.64 15.09
N ARG A 142 13.95 20.44 14.93
CA ARG A 142 14.68 20.79 13.72
C ARG A 142 14.39 19.76 12.63
N ARG A 143 13.79 18.64 13.04
CA ARG A 143 13.48 17.55 12.12
C ARG A 143 11.96 17.37 11.94
N GLY A 144 11.22 18.44 12.15
CA GLY A 144 9.78 18.40 11.99
C GLY A 144 9.01 17.97 13.22
N ALA A 145 9.72 17.49 14.24
CA ALA A 145 9.06 17.04 15.46
C ALA A 145 8.24 18.11 16.16
N SER A 146 7.10 17.71 16.72
CA SER A 146 6.22 18.63 17.44
C SER A 146 5.71 17.94 18.70
N ASP A 147 5.65 18.70 19.79
CA ASP A 147 5.21 18.20 21.08
C ASP A 147 3.73 17.79 21.13
N LEU A 148 3.46 16.68 21.80
CA LEU A 148 2.09 16.17 21.96
C LEU A 148 1.69 16.18 23.43
N GLY A 153 -3.56 14.60 30.67
CA GLY A 153 -3.74 14.21 32.06
C GLY A 153 -4.04 12.73 32.27
N TRP A 154 -3.30 11.87 31.58
CA TRP A 154 -3.48 10.43 31.70
C TRP A 154 -2.49 9.84 32.70
N ARG A 155 -2.85 8.73 33.30
CA ARG A 155 -1.98 8.07 34.27
C ARG A 155 -1.64 6.63 33.84
N LEU A 156 -0.35 6.33 33.82
CA LEU A 156 0.11 5.02 33.42
C LEU A 156 -0.06 4.01 34.55
N PHE A 157 -0.66 2.87 34.24
CA PHE A 157 -0.88 1.82 35.21
C PHE A 157 -0.27 0.52 34.71
N LYS A 158 -0.09 -0.42 35.63
CA LYS A 158 0.46 -1.71 35.28
C LYS A 158 -0.13 -2.80 36.16
N ILE A 159 -0.38 -3.96 35.55
CA ILE A 159 -0.91 -5.10 36.27
C ILE A 159 0.15 -6.17 36.09
N ASP A 160 0.94 -6.39 37.14
CA ASP A 160 2.02 -7.37 37.08
C ASP A 160 1.60 -8.81 36.99
N LYS A 161 2.58 -9.66 36.71
CA LYS A 161 2.39 -11.10 36.52
C LYS A 161 1.57 -11.82 37.57
N GLU A 162 1.89 -11.64 38.85
CA GLU A 162 1.13 -12.31 39.90
C GLU A 162 -0.35 -12.13 39.70
N TYR A 163 -0.77 -10.89 39.56
CA TYR A 163 -2.18 -10.57 39.37
C TYR A 163 -2.73 -11.08 38.04
N LEU A 164 -1.95 -10.99 36.97
CA LEU A 164 -2.44 -11.49 35.69
C LEU A 164 -2.73 -12.99 35.84
N LEU A 165 -1.84 -13.70 36.52
CA LEU A 165 -2.02 -15.13 36.74
C LEU A 165 -3.30 -15.43 37.52
N LYS A 166 -3.61 -14.59 38.51
CA LYS A 166 -4.82 -14.78 39.31
C LYS A 166 -6.06 -14.69 38.41
N MET A 167 -6.13 -13.63 37.63
CA MET A 167 -7.26 -13.42 36.72
C MET A 167 -7.35 -14.47 35.62
N ALA A 168 -6.21 -14.92 35.13
CA ALA A 168 -6.16 -15.90 34.06
C ALA A 168 -6.52 -17.31 34.50
N ALA A 169 -6.65 -17.52 35.80
CA ALA A 169 -6.99 -18.85 36.31
C ALA A 169 -8.33 -18.85 37.03
N LYS B 3 -25.26 -15.12 28.60
CA LYS B 3 -25.63 -13.68 28.80
C LYS B 3 -24.76 -12.84 27.86
N PHE B 4 -23.54 -13.31 27.65
CA PHE B 4 -22.58 -12.63 26.79
C PHE B 4 -21.38 -13.54 26.54
N LYS B 5 -20.70 -13.31 25.43
CA LYS B 5 -19.52 -14.09 25.07
C LYS B 5 -18.34 -13.17 24.76
N ILE B 6 -17.21 -13.39 25.43
CA ILE B 6 -16.02 -12.60 25.13
C ILE B 6 -15.22 -13.51 24.18
N ARG B 7 -14.86 -12.98 23.03
CA ARG B 7 -14.13 -13.73 22.03
C ARG B 7 -13.27 -12.82 21.16
N PRO B 8 -12.30 -13.40 20.42
CA PRO B 8 -11.42 -12.63 19.55
C PRO B 8 -12.27 -11.95 18.47
N ALA B 9 -11.87 -10.76 18.03
CA ALA B 9 -12.61 -10.06 16.98
C ALA B 9 -12.36 -10.74 15.64
N THR B 10 -13.25 -10.48 14.69
CA THR B 10 -13.13 -11.00 13.33
C THR B 10 -13.29 -9.80 12.39
N ALA B 11 -13.01 -10.01 11.12
CA ALA B 11 -13.12 -8.94 10.15
C ALA B 11 -14.50 -8.28 10.18
N SER B 12 -15.56 -9.08 10.25
CA SER B 12 -16.92 -8.54 10.25
C SER B 12 -17.34 -7.77 11.52
N ASP B 13 -16.45 -7.71 12.50
CA ASP B 13 -16.71 -6.98 13.74
C ASP B 13 -16.20 -5.53 13.62
N CYS B 14 -15.36 -5.28 12.63
CA CYS B 14 -14.76 -3.96 12.47
C CYS B 14 -15.72 -2.77 12.53
N SER B 15 -16.89 -2.92 11.92
CA SER B 15 -17.86 -1.86 11.95
C SER B 15 -18.29 -1.61 13.39
N ASP B 16 -18.47 -2.67 14.16
CA ASP B 16 -18.88 -2.52 15.56
C ASP B 16 -17.74 -1.91 16.37
N ILE B 17 -16.51 -2.27 16.05
CA ILE B 17 -15.35 -1.75 16.76
C ILE B 17 -15.21 -0.24 16.53
N LEU B 18 -15.44 0.20 15.31
CA LEU B 18 -15.36 1.62 14.99
C LEU B 18 -16.40 2.39 15.78
N ARG B 19 -17.62 1.84 15.85
CA ARG B 19 -18.72 2.46 16.58
C ARG B 19 -18.36 2.68 18.06
N LEU B 20 -17.76 1.67 18.68
CA LEU B 20 -17.39 1.76 20.09
C LEU B 20 -16.22 2.70 20.33
N ILE B 21 -15.26 2.70 19.40
CA ILE B 21 -14.12 3.59 19.52
C ILE B 21 -14.67 5.00 19.58
N LYS B 22 -15.65 5.26 18.71
CA LYS B 22 -16.29 6.57 18.62
C LYS B 22 -17.10 6.87 19.88
N GLU B 23 -17.81 5.87 20.39
CA GLU B 23 -18.59 6.05 21.61
C GLU B 23 -17.62 6.46 22.71
N LEU B 24 -16.45 5.84 22.69
CA LEU B 24 -15.40 6.11 23.67
C LEU B 24 -14.86 7.52 23.50
N ALA B 25 -14.93 8.04 22.27
CA ALA B 25 -14.44 9.38 21.97
C ALA B 25 -15.44 10.45 22.34
N LYS B 26 -16.64 10.05 22.75
CA LYS B 26 -17.65 11.02 23.16
C LYS B 26 -17.46 11.35 24.63
N TYR B 27 -16.80 10.45 25.37
CA TYR B 27 -16.53 10.68 26.79
C TYR B 27 -15.31 11.59 26.89
N GLU B 28 -14.79 11.97 25.72
CA GLU B 28 -13.63 12.85 25.62
C GLU B 28 -14.06 14.08 24.83
N TYR B 29 -15.25 14.01 24.26
CA TYR B 29 -15.82 15.10 23.46
C TYR B 29 -15.02 15.36 22.18
N MET B 30 -14.55 14.30 21.54
CA MET B 30 -13.75 14.43 20.32
C MET B 30 -14.08 13.39 19.24
N GLU B 31 -15.35 13.02 19.13
CA GLU B 31 -15.74 12.02 18.13
C GLU B 31 -15.25 12.36 16.73
N ASP B 32 -15.25 13.65 16.39
CA ASP B 32 -14.82 14.08 15.05
C ASP B 32 -13.34 13.86 14.81
N GLN B 33 -12.63 13.42 15.84
CA GLN B 33 -11.20 13.18 15.74
C GLN B 33 -10.89 11.80 15.14
N VAL B 34 -11.87 10.89 15.21
CA VAL B 34 -11.68 9.55 14.66
C VAL B 34 -11.77 9.54 13.14
N ILE B 35 -10.63 9.34 12.48
CA ILE B 35 -10.59 9.32 11.02
C ILE B 35 -10.51 7.91 10.44
N LEU B 36 -10.26 6.91 11.28
CA LEU B 36 -10.19 5.52 10.80
C LEU B 36 -11.54 5.06 10.28
N THR B 37 -11.52 4.19 9.27
CA THR B 37 -12.76 3.66 8.70
C THR B 37 -12.79 2.16 8.91
N GLU B 38 -13.88 1.53 8.49
CA GLU B 38 -14.02 0.10 8.60
C GLU B 38 -12.99 -0.61 7.72
N LYS B 39 -12.62 0.02 6.60
CA LYS B 39 -11.62 -0.57 5.71
C LYS B 39 -10.23 -0.55 6.36
N ASP B 40 -9.86 0.57 6.97
CA ASP B 40 -8.56 0.68 7.65
C ASP B 40 -8.45 -0.43 8.72
N LEU B 41 -9.47 -0.54 9.56
CA LEU B 41 -9.51 -1.55 10.62
C LEU B 41 -9.39 -2.97 10.12
N GLN B 42 -10.05 -3.28 9.00
CA GLN B 42 -9.97 -4.63 8.46
C GLN B 42 -8.57 -4.85 7.93
N GLU B 43 -8.09 -3.89 7.14
CA GLU B 43 -6.74 -3.98 6.58
C GLU B 43 -5.63 -4.02 7.62
N ASP B 44 -5.79 -3.29 8.72
CA ASP B 44 -4.77 -3.22 9.76
C ASP B 44 -4.85 -4.30 10.83
N GLY B 45 -6.03 -4.89 11.00
CA GLY B 45 -6.18 -5.89 12.03
C GLY B 45 -6.37 -7.32 11.56
N PHE B 46 -6.69 -7.50 10.28
CA PHE B 46 -6.92 -8.84 9.78
C PHE B 46 -6.16 -9.25 8.54
N GLY B 47 -5.06 -8.57 8.27
CA GLY B 47 -4.23 -8.93 7.14
C GLY B 47 -3.20 -9.92 7.61
N GLU B 48 -2.08 -10.02 6.90
CA GLU B 48 -1.01 -10.94 7.27
C GLU B 48 -0.40 -10.51 8.62
N HIS B 49 -0.09 -9.22 8.73
CA HIS B 49 0.51 -8.69 9.95
C HIS B 49 -0.41 -7.71 10.68
N PRO B 50 -1.13 -8.19 11.69
CA PRO B 50 -2.01 -7.25 12.39
C PRO B 50 -1.20 -6.26 13.23
N PHE B 51 -1.67 -5.01 13.23
CA PHE B 51 -1.00 -3.96 14.00
C PHE B 51 -1.71 -3.82 15.36
N TYR B 52 -2.82 -4.52 15.53
CA TYR B 52 -3.56 -4.49 16.78
C TYR B 52 -4.36 -5.78 16.93
N HIS B 53 -4.84 -6.04 18.14
CA HIS B 53 -5.63 -7.22 18.43
C HIS B 53 -6.84 -6.74 19.20
N CYS B 54 -7.96 -7.41 18.98
CA CYS B 54 -9.20 -7.03 19.63
C CYS B 54 -10.00 -8.17 20.24
N LEU B 55 -10.65 -7.87 21.37
CA LEU B 55 -11.54 -8.81 22.05
C LEU B 55 -12.87 -8.06 22.04
N VAL B 56 -13.96 -8.77 21.75
CA VAL B 56 -15.26 -8.14 21.72
C VAL B 56 -16.24 -8.90 22.60
N ALA B 57 -17.29 -8.20 23.04
CA ALA B 57 -18.34 -8.78 23.87
C ALA B 57 -19.62 -8.89 23.02
N GLU B 58 -20.01 -10.12 22.67
CA GLU B 58 -21.20 -10.33 21.87
C GLU B 58 -22.33 -10.91 22.72
N VAL B 59 -23.52 -10.30 22.62
CA VAL B 59 -24.66 -10.76 23.38
C VAL B 59 -25.70 -11.41 22.47
N PRO B 60 -26.59 -12.23 23.05
CA PRO B 60 -27.65 -12.94 22.31
C PRO B 60 -28.65 -11.97 21.68
N LYS B 61 -29.31 -12.43 20.62
CA LYS B 61 -30.29 -11.63 19.89
C LYS B 61 -31.32 -10.89 20.76
N GLU B 62 -31.91 -11.56 21.75
CA GLU B 62 -32.89 -10.87 22.57
C GLU B 62 -32.25 -9.89 23.55
N HIS B 63 -30.98 -9.56 23.31
CA HIS B 63 -30.24 -8.63 24.16
C HIS B 63 -29.45 -7.61 23.36
N TRP B 64 -29.63 -7.61 22.04
CA TRP B 64 -28.95 -6.66 21.19
C TRP B 64 -29.40 -5.24 21.50
N THR B 65 -28.67 -4.27 21.01
CA THR B 65 -29.03 -2.89 21.23
C THR B 65 -30.28 -2.61 20.40
N PRO B 66 -31.01 -1.52 20.72
CA PRO B 66 -32.22 -1.18 19.98
C PRO B 66 -31.94 -1.03 18.48
N GLU B 67 -30.79 -0.45 18.15
CA GLU B 67 -30.37 -0.25 16.77
C GLU B 67 -30.00 -1.59 16.13
N GLY B 68 -29.94 -2.63 16.95
CA GLY B 68 -29.61 -3.93 16.42
C GLY B 68 -28.15 -4.34 16.43
N HIS B 69 -27.36 -3.78 17.35
CA HIS B 69 -25.94 -4.16 17.42
C HIS B 69 -25.82 -5.30 18.41
N SER B 70 -24.95 -6.26 18.09
CA SER B 70 -24.72 -7.43 18.94
C SER B 70 -23.45 -7.32 19.76
N ILE B 71 -22.61 -6.33 19.46
CA ILE B 71 -21.35 -6.13 20.17
C ILE B 71 -21.52 -4.97 21.15
N VAL B 72 -21.30 -5.25 22.43
CA VAL B 72 -21.49 -4.24 23.46
C VAL B 72 -20.26 -3.89 24.27
N GLY B 73 -19.10 -4.36 23.83
CA GLY B 73 -17.87 -4.05 24.53
C GLY B 73 -16.66 -4.58 23.80
N PHE B 74 -15.49 -4.00 24.05
CA PHE B 74 -14.30 -4.47 23.37
C PHE B 74 -13.03 -3.97 24.07
N ALA B 75 -11.91 -4.55 23.69
CA ALA B 75 -10.61 -4.16 24.18
C ALA B 75 -9.68 -4.25 22.98
N MET B 76 -8.85 -3.24 22.80
CA MET B 76 -7.89 -3.22 21.71
C MET B 76 -6.53 -3.22 22.36
N TYR B 77 -5.63 -4.05 21.85
CA TYR B 77 -4.31 -4.12 22.44
C TYR B 77 -3.27 -4.54 21.42
N TYR B 78 -2.01 -4.43 21.82
CA TYR B 78 -0.87 -4.85 21.00
C TYR B 78 0.29 -5.08 21.95
N PHE B 79 1.37 -5.67 21.45
CA PHE B 79 2.52 -5.96 22.28
C PHE B 79 3.60 -4.92 22.09
N THR B 80 4.24 -4.54 23.19
CA THR B 80 5.31 -3.56 23.14
C THR B 80 6.51 -4.21 23.79
N TYR B 81 7.64 -3.50 23.79
CA TYR B 81 8.85 -4.03 24.37
C TYR B 81 9.53 -3.00 25.22
N ASP B 82 10.03 -3.43 26.37
CA ASP B 82 10.74 -2.52 27.24
C ASP B 82 12.19 -2.99 27.33
N PRO B 83 13.14 -2.08 27.13
CA PRO B 83 14.57 -2.42 27.17
C PRO B 83 15.05 -3.06 28.48
N TRP B 84 14.35 -2.80 29.60
CA TRP B 84 14.78 -3.37 30.87
C TRP B 84 14.11 -4.70 31.19
N ILE B 85 12.79 -4.78 31.03
CA ILE B 85 12.08 -6.00 31.37
C ILE B 85 11.53 -6.84 30.22
N GLY B 86 11.56 -6.31 29.00
CA GLY B 86 11.08 -7.07 27.86
C GLY B 86 9.61 -6.95 27.44
N LYS B 87 9.11 -8.03 26.87
CA LYS B 87 7.74 -8.12 26.38
C LYS B 87 6.63 -7.68 27.31
N LEU B 88 5.77 -6.81 26.80
CA LEU B 88 4.64 -6.32 27.56
C LEU B 88 3.37 -6.40 26.73
N LEU B 89 2.22 -6.45 27.40
CA LEU B 89 0.94 -6.43 26.72
C LEU B 89 0.45 -5.01 26.97
N TYR B 90 0.21 -4.26 25.89
CA TYR B 90 -0.26 -2.89 26.05
C TYR B 90 -1.73 -2.75 25.67
N LEU B 91 -2.56 -2.42 26.65
CA LEU B 91 -3.98 -2.26 26.42
C LEU B 91 -4.21 -0.83 25.98
N GLU B 92 -4.65 -0.68 24.73
CA GLU B 92 -4.89 0.63 24.13
C GLU B 92 -6.28 1.21 24.41
N ASP B 93 -7.31 0.39 24.28
CA ASP B 93 -8.68 0.84 24.53
C ASP B 93 -9.47 -0.22 25.23
N PHE B 94 -10.47 0.20 26.00
CA PHE B 94 -11.29 -0.70 26.79
C PHE B 94 -12.64 0.02 27.01
N PHE B 95 -13.73 -0.56 26.53
CA PHE B 95 -15.04 0.08 26.68
C PHE B 95 -16.20 -0.91 26.76
N VAL B 96 -17.18 -0.59 27.61
CA VAL B 96 -18.39 -1.39 27.76
C VAL B 96 -19.57 -0.42 27.67
N MET B 97 -20.48 -0.65 26.74
CA MET B 97 -21.63 0.24 26.58
C MET B 97 -22.39 0.41 27.90
N SER B 98 -22.95 1.59 28.09
CA SER B 98 -23.70 1.95 29.29
C SER B 98 -24.68 0.92 29.89
N ASP B 99 -25.62 0.46 29.08
CA ASP B 99 -26.62 -0.50 29.53
C ASP B 99 -26.12 -1.93 29.72
N TYR B 100 -24.84 -2.16 29.42
CA TYR B 100 -24.29 -3.49 29.54
C TYR B 100 -23.20 -3.58 30.58
N ARG B 101 -23.10 -2.54 31.41
CA ARG B 101 -22.10 -2.48 32.48
C ARG B 101 -22.68 -3.10 33.77
N GLY B 102 -21.82 -3.63 34.62
CA GLY B 102 -22.30 -4.23 35.86
C GLY B 102 -22.54 -5.74 35.84
N PHE B 103 -22.57 -6.35 34.66
CA PHE B 103 -22.80 -7.80 34.53
C PHE B 103 -21.52 -8.67 34.51
N GLY B 104 -20.36 -8.04 34.62
CA GLY B 104 -19.14 -8.82 34.60
C GLY B 104 -18.49 -8.89 33.22
N ILE B 105 -18.93 -8.07 32.27
CA ILE B 105 -18.34 -8.10 30.94
C ILE B 105 -16.90 -7.56 31.01
N GLY B 106 -16.72 -6.42 31.66
CA GLY B 106 -15.39 -5.85 31.79
C GLY B 106 -14.41 -6.80 32.46
N SER B 107 -14.85 -7.46 33.53
CA SER B 107 -14.01 -8.40 34.24
C SER B 107 -13.67 -9.59 33.35
N GLU B 108 -14.64 -10.05 32.59
CA GLU B 108 -14.41 -11.19 31.71
C GLU B 108 -13.40 -10.79 30.64
N ILE B 109 -13.50 -9.55 30.14
CA ILE B 109 -12.57 -9.08 29.13
C ILE B 109 -11.15 -9.02 29.69
N LEU B 110 -11.01 -8.46 30.89
CA LEU B 110 -9.71 -8.38 31.54
C LEU B 110 -9.19 -9.80 31.79
N LYS B 111 -10.10 -10.72 32.05
CA LYS B 111 -9.72 -12.08 32.28
C LYS B 111 -9.12 -12.66 31.00
N ASN B 112 -9.76 -12.42 29.86
CA ASN B 112 -9.23 -12.93 28.60
C ASN B 112 -7.91 -12.24 28.20
N LEU B 113 -7.75 -10.98 28.61
CA LEU B 113 -6.52 -10.23 28.31
C LEU B 113 -5.36 -10.78 29.13
N SER B 114 -5.67 -11.24 30.34
CA SER B 114 -4.66 -11.82 31.22
C SER B 114 -4.19 -13.14 30.61
N GLN B 115 -5.12 -13.91 30.07
CA GLN B 115 -4.74 -15.18 29.46
C GLN B 115 -3.89 -14.94 28.21
N VAL B 116 -4.21 -13.90 27.44
CA VAL B 116 -3.43 -13.60 26.24
C VAL B 116 -2.03 -13.23 26.67
N ALA B 117 -1.92 -12.52 27.78
CA ALA B 117 -0.65 -12.08 28.33
C ALA B 117 0.21 -13.25 28.80
N MET B 118 -0.39 -14.20 29.51
CA MET B 118 0.36 -15.34 30.01
C MET B 118 0.77 -16.26 28.86
N LYS B 119 -0.04 -16.28 27.81
CA LYS B 119 0.25 -17.07 26.64
C LYS B 119 1.47 -16.44 25.94
N CYS B 120 1.48 -15.10 25.86
CA CYS B 120 2.58 -14.34 25.24
C CYS B 120 3.87 -14.45 26.04
N ARG B 121 3.75 -14.80 27.32
CA ARG B 121 4.89 -14.88 28.22
C ARG B 121 5.29 -13.44 28.50
N CYS B 122 4.30 -12.57 28.44
CA CYS B 122 4.46 -11.16 28.71
C CYS B 122 4.63 -10.97 30.23
N SER B 123 5.50 -10.06 30.64
CA SER B 123 5.74 -9.83 32.07
C SER B 123 4.71 -8.95 32.78
N SER B 124 3.98 -8.14 32.03
CA SER B 124 3.01 -7.25 32.63
C SER B 124 2.05 -6.65 31.60
N MET B 125 0.94 -6.09 32.06
CA MET B 125 0.00 -5.45 31.17
C MET B 125 -0.04 -3.98 31.55
N HIS B 126 0.26 -3.11 30.59
CA HIS B 126 0.26 -1.67 30.86
C HIS B 126 -0.86 -0.96 30.13
N PHE B 127 -1.34 0.13 30.70
CA PHE B 127 -2.41 0.91 30.10
C PHE B 127 -2.56 2.29 30.76
N LEU B 128 -3.26 3.18 30.07
CA LEU B 128 -3.49 4.53 30.55
C LEU B 128 -4.87 4.70 31.14
N VAL B 129 -4.99 5.65 32.06
CA VAL B 129 -6.26 5.93 32.71
C VAL B 129 -6.33 7.41 33.04
N ALA B 130 -7.45 8.04 32.69
CA ALA B 130 -7.63 9.46 32.97
C ALA B 130 -7.69 9.64 34.48
N GLU B 131 -6.96 10.62 34.99
CA GLU B 131 -6.91 10.92 36.43
C GLU B 131 -8.30 11.24 36.98
N TRP B 132 -9.17 11.73 36.11
CA TRP B 132 -10.52 12.11 36.49
C TRP B 132 -11.53 10.98 36.42
N ASN B 133 -11.16 9.85 35.81
CA ASN B 133 -12.08 8.72 35.70
C ASN B 133 -11.86 7.75 36.85
N GLU B 134 -12.22 8.18 38.05
CA GLU B 134 -12.08 7.37 39.25
C GLU B 134 -12.67 5.97 39.09
N PRO B 135 -13.89 5.86 38.53
CA PRO B 135 -14.52 4.55 38.34
C PRO B 135 -13.57 3.52 37.73
N SER B 136 -13.01 3.86 36.58
CA SER B 136 -12.09 2.95 35.91
C SER B 136 -10.89 2.70 36.82
N ILE B 137 -10.47 3.72 37.55
CA ILE B 137 -9.34 3.55 38.46
C ILE B 137 -9.64 2.49 39.52
N ASN B 138 -10.71 2.70 40.28
CA ASN B 138 -11.09 1.76 41.34
C ASN B 138 -11.35 0.37 40.74
N PHE B 139 -11.80 0.34 39.50
CA PHE B 139 -12.06 -0.92 38.83
C PHE B 139 -10.74 -1.66 38.65
N TYR B 140 -9.74 -0.97 38.14
CA TYR B 140 -8.42 -1.58 37.91
C TYR B 140 -7.63 -1.86 39.19
N LYS B 141 -7.68 -0.93 40.14
CA LYS B 141 -6.98 -1.06 41.42
C LYS B 141 -7.41 -2.32 42.17
N ARG B 142 -8.71 -2.58 42.21
CA ARG B 142 -9.21 -3.76 42.90
C ARG B 142 -8.71 -5.03 42.25
N ARG B 143 -8.05 -4.89 41.10
CA ARG B 143 -7.54 -6.05 40.38
C ARG B 143 -6.03 -6.13 40.26
N GLY B 144 -5.33 -5.39 41.12
CA GLY B 144 -3.88 -5.44 41.12
C GLY B 144 -3.13 -4.31 40.44
N ALA B 145 -3.84 -3.45 39.73
CA ALA B 145 -3.19 -2.34 39.04
C ALA B 145 -2.54 -1.38 40.03
N SER B 146 -1.41 -0.80 39.63
CA SER B 146 -0.70 0.16 40.48
C SER B 146 -0.08 1.26 39.59
N ASP B 147 0.07 2.45 40.15
CA ASP B 147 0.65 3.57 39.41
C ASP B 147 2.08 3.31 38.94
N LEU B 148 2.33 3.62 37.67
CA LEU B 148 3.65 3.41 37.08
C LEU B 148 4.14 4.72 36.43
N GLY B 153 9.29 11.59 33.95
CA GLY B 153 9.07 12.93 33.43
C GLY B 153 9.50 13.09 31.98
N TRP B 154 8.89 12.32 31.08
CA TRP B 154 9.19 12.38 29.66
C TRP B 154 8.02 12.98 28.90
N ARG B 155 8.28 13.47 27.70
CA ARG B 155 7.22 14.04 26.89
C ARG B 155 7.12 13.40 25.52
N LEU B 156 5.90 13.07 25.11
CA LEU B 156 5.64 12.44 23.83
C LEU B 156 5.74 13.39 22.65
N PHE B 157 6.70 13.13 21.76
CA PHE B 157 6.87 13.95 20.59
C PHE B 157 6.40 13.17 19.37
N LYS B 158 6.27 13.87 18.25
CA LYS B 158 5.76 13.24 17.05
C LYS B 158 6.36 13.82 15.79
N ILE B 159 6.80 12.96 14.90
CA ILE B 159 7.33 13.42 13.62
C ILE B 159 6.38 12.81 12.58
N ASP B 160 5.60 13.65 11.92
CA ASP B 160 4.63 13.19 10.92
C ASP B 160 5.27 12.73 9.62
N LYS B 161 4.49 11.96 8.85
CA LYS B 161 4.93 11.42 7.56
C LYS B 161 5.55 12.52 6.71
N GLU B 162 4.89 13.68 6.73
CA GLU B 162 5.35 14.84 5.97
C GLU B 162 6.87 14.96 6.09
N TYR B 163 7.36 15.02 7.32
CA TYR B 163 8.78 15.14 7.60
C TYR B 163 9.54 13.83 7.44
N LEU B 164 8.92 12.72 7.84
CA LEU B 164 9.58 11.42 7.70
C LEU B 164 9.96 11.19 6.25
N LEU B 165 9.05 11.54 5.34
CA LEU B 165 9.29 11.38 3.92
C LEU B 165 10.49 12.22 3.49
N LYS B 166 10.62 13.40 4.09
CA LYS B 166 11.72 14.30 3.77
C LYS B 166 13.04 13.70 4.26
N MET B 167 13.05 13.20 5.50
CA MET B 167 14.26 12.59 6.04
C MET B 167 14.70 11.38 5.24
N ALA B 168 13.74 10.68 4.64
CA ALA B 168 14.05 9.51 3.83
C ALA B 168 14.73 9.94 2.52
N LYS C 3 31.01 -3.27 -21.60
CA LYS C 3 30.49 -2.22 -20.67
C LYS C 3 29.10 -2.60 -20.12
N PHE C 4 28.15 -2.93 -20.99
CA PHE C 4 26.81 -3.31 -20.52
C PHE C 4 25.96 -4.13 -21.49
N LYS C 5 24.97 -4.82 -20.93
CA LYS C 5 24.08 -5.65 -21.71
C LYS C 5 22.61 -5.39 -21.39
N ILE C 6 21.81 -5.24 -22.43
CA ILE C 6 20.38 -5.00 -22.28
C ILE C 6 19.64 -6.26 -22.71
N ARG C 7 19.01 -6.90 -21.73
CA ARG C 7 18.29 -8.15 -21.95
C ARG C 7 16.92 -8.08 -21.28
N PRO C 8 16.08 -9.12 -21.48
CA PRO C 8 14.76 -9.13 -20.85
C PRO C 8 14.96 -9.35 -19.35
N ALA C 9 13.99 -8.96 -18.54
CA ALA C 9 14.11 -9.14 -17.11
C ALA C 9 13.70 -10.55 -16.70
N THR C 10 14.05 -10.92 -15.47
CA THR C 10 13.71 -12.23 -14.92
C THR C 10 13.07 -11.95 -13.57
N ALA C 11 12.50 -12.95 -12.93
CA ALA C 11 11.88 -12.77 -11.63
C ALA C 11 12.91 -12.26 -10.61
N SER C 12 14.16 -12.68 -10.77
CA SER C 12 15.23 -12.27 -9.86
C SER C 12 15.54 -10.77 -10.00
N ASP C 13 15.13 -10.19 -11.12
CA ASP C 13 15.38 -8.77 -11.38
C ASP C 13 14.36 -7.84 -10.75
N CYS C 14 13.24 -8.38 -10.30
CA CYS C 14 12.18 -7.55 -9.73
C CYS C 14 12.59 -6.63 -8.58
N SER C 15 13.49 -7.08 -7.73
CA SER C 15 13.95 -6.25 -6.63
C SER C 15 14.56 -4.96 -7.19
N ASP C 16 15.34 -5.09 -8.26
CA ASP C 16 15.98 -3.93 -8.87
C ASP C 16 14.91 -3.06 -9.56
N ILE C 17 13.99 -3.70 -10.27
CA ILE C 17 12.93 -3.00 -10.97
C ILE C 17 12.15 -2.11 -10.00
N LEU C 18 11.70 -2.69 -8.88
CA LEU C 18 10.96 -1.91 -7.90
C LEU C 18 11.83 -0.74 -7.42
N ARG C 19 13.12 -1.00 -7.31
CA ARG C 19 14.07 0.01 -6.87
C ARG C 19 14.09 1.19 -7.83
N LEU C 20 14.20 0.91 -9.12
CA LEU C 20 14.23 1.98 -10.11
C LEU C 20 12.88 2.70 -10.17
N ILE C 21 11.78 1.97 -9.99
CA ILE C 21 10.46 2.58 -10.01
C ILE C 21 10.44 3.68 -8.96
N LYS C 22 10.94 3.36 -7.77
CA LYS C 22 10.97 4.34 -6.68
C LYS C 22 11.88 5.51 -6.99
N GLU C 23 13.02 5.25 -7.62
CA GLU C 23 13.93 6.32 -8.00
C GLU C 23 13.22 7.25 -8.98
N LEU C 24 12.39 6.67 -9.85
CA LEU C 24 11.63 7.44 -10.81
C LEU C 24 10.62 8.27 -10.04
N ALA C 25 10.17 7.72 -8.92
CA ALA C 25 9.18 8.35 -8.08
C ALA C 25 9.72 9.55 -7.30
N LYS C 26 10.94 9.42 -6.78
CA LYS C 26 11.54 10.49 -6.00
C LYS C 26 11.66 11.76 -6.82
N TYR C 27 11.92 11.60 -8.11
CA TYR C 27 12.04 12.72 -9.04
C TYR C 27 10.87 13.69 -8.80
N GLU C 28 9.66 13.15 -8.78
CA GLU C 28 8.45 13.95 -8.57
C GLU C 28 8.05 13.98 -7.08
N TYR C 29 8.95 13.53 -6.22
CA TYR C 29 8.73 13.49 -4.78
C TYR C 29 7.48 12.70 -4.42
N MET C 30 7.28 11.56 -5.06
CA MET C 30 6.12 10.74 -4.79
C MET C 30 6.50 9.29 -4.53
N GLU C 31 7.48 9.10 -3.65
CA GLU C 31 7.94 7.78 -3.29
C GLU C 31 6.83 7.00 -2.59
N ASP C 32 6.09 7.69 -1.72
CA ASP C 32 5.01 7.06 -0.96
C ASP C 32 3.79 6.67 -1.78
N GLN C 33 3.75 7.03 -3.06
CA GLN C 33 2.62 6.67 -3.91
C GLN C 33 2.85 5.26 -4.46
N VAL C 34 4.06 4.78 -4.30
CA VAL C 34 4.47 3.47 -4.78
C VAL C 34 4.15 2.37 -3.78
N ILE C 35 3.05 1.66 -4.00
CA ILE C 35 2.67 0.60 -3.08
C ILE C 35 2.96 -0.81 -3.57
N LEU C 36 3.37 -0.95 -4.84
CA LEU C 36 3.68 -2.28 -5.35
C LEU C 36 4.88 -2.83 -4.59
N THR C 37 4.95 -4.15 -4.49
CA THR C 37 6.04 -4.81 -3.79
C THR C 37 6.81 -5.71 -4.75
N GLU C 38 7.89 -6.31 -4.26
CA GLU C 38 8.68 -7.20 -5.10
C GLU C 38 7.82 -8.41 -5.48
N LYS C 39 7.03 -8.91 -4.52
CA LYS C 39 6.15 -10.05 -4.79
C LYS C 39 5.18 -9.69 -5.89
N ASP C 40 4.51 -8.54 -5.73
CA ASP C 40 3.56 -8.05 -6.71
C ASP C 40 4.16 -8.11 -8.11
N LEU C 41 5.31 -7.47 -8.25
CA LEU C 41 6.02 -7.43 -9.53
C LEU C 41 6.38 -8.82 -10.04
N GLN C 42 6.71 -9.73 -9.13
CA GLN C 42 7.06 -11.09 -9.53
C GLN C 42 5.84 -11.82 -10.08
N GLU C 43 4.73 -11.76 -9.37
CA GLU C 43 3.50 -12.43 -9.80
C GLU C 43 2.94 -11.79 -11.06
N ASP C 44 2.76 -10.47 -11.03
CA ASP C 44 2.21 -9.72 -12.16
C ASP C 44 3.01 -9.85 -13.44
N GLY C 45 4.33 -9.99 -13.31
CA GLY C 45 5.17 -10.09 -14.48
C GLY C 45 5.70 -11.45 -14.87
N PHE C 46 5.73 -12.39 -13.94
CA PHE C 46 6.27 -13.69 -14.29
C PHE C 46 5.38 -14.87 -13.94
N GLY C 47 4.18 -14.58 -13.45
CA GLY C 47 3.24 -15.63 -13.13
C GLY C 47 2.79 -16.24 -14.44
N GLU C 48 1.62 -16.85 -14.48
CA GLU C 48 1.15 -17.46 -15.70
C GLU C 48 0.87 -16.43 -16.80
N HIS C 49 0.29 -15.30 -16.42
CA HIS C 49 -0.02 -14.24 -17.39
C HIS C 49 0.78 -12.96 -17.13
N PRO C 50 1.69 -12.61 -18.06
CA PRO C 50 2.49 -11.39 -17.89
C PRO C 50 1.68 -10.13 -18.17
N PHE C 51 1.51 -9.30 -17.15
CA PHE C 51 0.76 -8.05 -17.27
C PHE C 51 1.67 -6.92 -17.76
N TYR C 52 2.96 -7.21 -17.89
CA TYR C 52 3.93 -6.24 -18.38
C TYR C 52 5.20 -6.96 -18.83
N HIS C 53 6.07 -6.22 -19.49
CA HIS C 53 7.32 -6.74 -19.99
C HIS C 53 8.39 -5.70 -19.65
N CYS C 54 9.55 -6.18 -19.22
CA CYS C 54 10.65 -5.29 -18.86
C CYS C 54 11.96 -5.67 -19.52
N LEU C 55 12.77 -4.65 -19.75
CA LEU C 55 14.09 -4.76 -20.35
C LEU C 55 15.00 -4.08 -19.33
N VAL C 56 16.11 -4.71 -19.00
CA VAL C 56 17.02 -4.12 -18.03
C VAL C 56 18.41 -3.94 -18.62
N ALA C 57 19.10 -2.93 -18.09
CA ALA C 57 20.46 -2.62 -18.52
C ALA C 57 21.36 -3.14 -17.42
N GLU C 58 22.26 -4.06 -17.76
CA GLU C 58 23.17 -4.62 -16.77
C GLU C 58 24.62 -4.31 -17.07
N VAL C 59 25.35 -3.95 -16.02
CA VAL C 59 26.76 -3.63 -16.12
C VAL C 59 27.51 -4.59 -15.18
N PRO C 60 28.77 -4.90 -15.49
CA PRO C 60 29.53 -5.81 -14.62
C PRO C 60 30.03 -5.08 -13.36
N PRO C 66 28.20 0.29 -8.39
CA PRO C 66 27.15 1.28 -8.10
C PRO C 66 27.06 1.54 -6.60
N GLU C 67 26.99 0.44 -5.86
CA GLU C 67 26.88 0.46 -4.41
C GLU C 67 26.78 -1.02 -4.02
N GLY C 68 26.13 -1.77 -4.90
CA GLY C 68 25.96 -3.20 -4.68
C GLY C 68 24.92 -3.74 -5.65
N HIS C 69 24.59 -2.94 -6.67
CA HIS C 69 23.60 -3.32 -7.65
C HIS C 69 24.15 -3.41 -9.07
N SER C 70 23.60 -4.34 -9.85
CA SER C 70 24.04 -4.54 -11.23
C SER C 70 23.12 -3.92 -12.30
N ILE C 71 21.84 -3.73 -11.97
CA ILE C 71 20.88 -3.14 -12.92
C ILE C 71 20.80 -1.62 -12.80
N VAL C 72 21.23 -0.93 -13.85
CA VAL C 72 21.23 0.53 -13.82
C VAL C 72 20.16 1.23 -14.64
N GLY C 73 19.36 0.47 -15.38
CA GLY C 73 18.32 1.09 -16.18
C GLY C 73 17.25 0.11 -16.64
N PHE C 74 16.06 0.61 -16.94
CA PHE C 74 14.99 -0.27 -17.38
C PHE C 74 13.92 0.40 -18.21
N ALA C 75 13.10 -0.43 -18.82
CA ALA C 75 11.98 0.02 -19.64
C ALA C 75 10.85 -0.97 -19.40
N MET C 76 9.69 -0.45 -19.02
CA MET C 76 8.51 -1.28 -18.78
C MET C 76 7.51 -0.98 -19.89
N TYR C 77 6.92 -2.03 -20.44
CA TYR C 77 5.96 -1.89 -21.51
C TYR C 77 4.95 -3.02 -21.54
N TYR C 78 3.89 -2.81 -22.32
CA TYR C 78 2.85 -3.77 -22.53
C TYR C 78 2.21 -3.40 -23.85
N PHE C 79 1.45 -4.31 -24.43
CA PHE C 79 0.80 -4.07 -25.71
C PHE C 79 -0.64 -3.59 -25.54
N THR C 80 -1.04 -2.64 -26.37
CA THR C 80 -2.38 -2.10 -26.29
C THR C 80 -3.07 -2.21 -27.64
N TYR C 81 -4.30 -1.73 -27.72
CA TYR C 81 -5.05 -1.81 -28.97
C TYR C 81 -5.82 -0.54 -29.24
N ASP C 82 -5.82 -0.13 -30.51
CA ASP C 82 -6.55 1.04 -30.95
C ASP C 82 -7.53 0.52 -32.00
N PRO C 83 -8.85 0.71 -31.77
CA PRO C 83 -9.89 0.24 -32.70
C PRO C 83 -9.85 0.78 -34.13
N TRP C 84 -9.00 1.78 -34.38
CA TRP C 84 -8.89 2.35 -35.72
C TRP C 84 -7.64 1.88 -36.46
N ILE C 85 -6.53 1.75 -35.75
CA ILE C 85 -5.29 1.32 -36.39
C ILE C 85 -4.77 -0.04 -35.91
N GLY C 86 -5.21 -0.49 -34.73
CA GLY C 86 -4.79 -1.79 -34.24
C GLY C 86 -3.71 -1.84 -33.17
N LYS C 87 -2.94 -2.91 -33.22
CA LYS C 87 -1.85 -3.18 -32.28
C LYS C 87 -0.86 -2.05 -32.08
N LEU C 88 -0.52 -1.78 -30.82
CA LEU C 88 0.44 -0.73 -30.46
C LEU C 88 1.36 -1.18 -29.33
N LEU C 89 2.58 -0.67 -29.32
CA LEU C 89 3.51 -1.02 -28.24
C LEU C 89 3.39 0.17 -27.31
N TYR C 90 3.07 -0.07 -26.04
CA TYR C 90 2.94 1.03 -25.10
C TYR C 90 4.06 1.03 -24.07
N LEU C 91 4.88 2.09 -24.10
CA LEU C 91 5.98 2.23 -23.18
C LEU C 91 5.46 2.93 -21.91
N GLU C 92 5.34 2.16 -20.82
CA GLU C 92 4.84 2.68 -19.56
C GLU C 92 5.90 3.51 -18.84
N ASP C 93 7.13 3.03 -18.78
CA ASP C 93 8.20 3.80 -18.16
C ASP C 93 9.59 3.42 -18.62
N PHE C 94 10.46 4.43 -18.64
CA PHE C 94 11.83 4.28 -19.11
C PHE C 94 12.73 5.13 -18.22
N PHE C 95 13.77 4.51 -17.67
CA PHE C 95 14.68 5.24 -16.79
C PHE C 95 16.10 4.70 -16.83
N VAL C 96 17.05 5.58 -16.58
CA VAL C 96 18.47 5.24 -16.56
C VAL C 96 19.08 6.05 -15.43
N MET C 97 19.73 5.35 -14.50
CA MET C 97 20.35 6.02 -13.37
C MET C 97 21.31 7.12 -13.82
N SER C 98 21.24 8.24 -13.12
CA SER C 98 22.06 9.43 -13.40
C SER C 98 23.51 9.17 -13.77
N ASP C 99 24.21 8.38 -12.95
CA ASP C 99 25.62 8.10 -13.19
C ASP C 99 25.93 7.14 -14.33
N TYR C 100 24.90 6.62 -14.99
CA TYR C 100 25.12 5.68 -16.09
C TYR C 100 24.65 6.19 -17.45
N ARG C 101 24.35 7.49 -17.52
CA ARG C 101 23.88 8.09 -18.74
C ARG C 101 25.06 8.46 -19.66
N GLY C 102 24.78 8.66 -20.94
CA GLY C 102 25.83 9.03 -21.87
C GLY C 102 26.73 7.90 -22.37
N PHE C 103 26.45 6.67 -21.95
CA PHE C 103 27.23 5.51 -22.34
C PHE C 103 26.54 4.72 -23.46
N GLY C 104 25.36 5.17 -23.85
CA GLY C 104 24.62 4.48 -24.89
C GLY C 104 23.55 3.54 -24.38
N ILE C 105 23.40 3.41 -23.07
CA ILE C 105 22.38 2.52 -22.50
C ILE C 105 20.98 2.87 -23.01
N GLY C 106 20.60 4.13 -22.82
CA GLY C 106 19.29 4.59 -23.26
C GLY C 106 18.98 4.31 -24.72
N SER C 107 19.94 4.56 -25.59
CA SER C 107 19.73 4.33 -27.00
C SER C 107 19.61 2.84 -27.34
N GLU C 108 20.29 2.00 -26.59
CA GLU C 108 20.22 0.57 -26.86
C GLU C 108 18.86 0.03 -26.38
N ILE C 109 18.36 0.62 -25.30
CA ILE C 109 17.06 0.22 -24.78
C ILE C 109 15.99 0.57 -25.82
N LEU C 110 16.11 1.74 -26.45
CA LEU C 110 15.14 2.12 -27.46
C LEU C 110 15.26 1.23 -28.69
N LYS C 111 16.48 0.77 -28.96
CA LYS C 111 16.72 -0.10 -30.10
C LYS C 111 16.01 -1.44 -29.85
N ASN C 112 16.10 -1.94 -28.63
CA ASN C 112 15.45 -3.20 -28.26
C ASN C 112 13.93 -3.08 -28.34
N LEU C 113 13.42 -1.95 -27.87
CA LEU C 113 11.99 -1.70 -27.90
C LEU C 113 11.53 -1.65 -29.36
N SER C 114 12.29 -0.96 -30.20
CA SER C 114 11.93 -0.87 -31.62
C SER C 114 11.91 -2.27 -32.22
N GLN C 115 12.90 -3.08 -31.88
CA GLN C 115 12.98 -4.44 -32.38
C GLN C 115 11.76 -5.23 -31.95
N VAL C 116 11.30 -5.00 -30.73
CA VAL C 116 10.13 -5.69 -30.21
C VAL C 116 8.89 -5.27 -30.99
N ALA C 117 8.72 -3.97 -31.19
CA ALA C 117 7.58 -3.46 -31.93
C ALA C 117 7.55 -4.09 -33.32
N MET C 118 8.70 -4.10 -33.99
CA MET C 118 8.78 -4.67 -35.33
C MET C 118 8.41 -6.15 -35.36
N LYS C 119 8.89 -6.91 -34.40
CA LYS C 119 8.62 -8.35 -34.33
C LYS C 119 7.12 -8.64 -34.11
N CYS C 120 6.46 -7.77 -33.35
CA CYS C 120 5.03 -7.96 -33.09
C CYS C 120 4.19 -7.23 -34.14
N ARG C 121 4.86 -6.53 -35.05
CA ARG C 121 4.19 -5.81 -36.13
C ARG C 121 3.39 -4.60 -35.67
N CYS C 122 3.69 -4.09 -34.47
CA CYS C 122 2.99 -2.92 -33.96
C CYS C 122 3.18 -1.75 -34.92
N SER C 123 2.11 -0.98 -35.15
CA SER C 123 2.16 0.14 -36.07
C SER C 123 2.92 1.34 -35.49
N SER C 124 3.04 1.39 -34.17
CA SER C 124 3.79 2.45 -33.51
C SER C 124 3.96 2.19 -32.03
N MET C 125 4.80 2.99 -31.39
CA MET C 125 5.04 2.87 -29.96
C MET C 125 4.52 4.15 -29.32
N HIS C 126 3.70 4.01 -28.28
CA HIS C 126 3.14 5.15 -27.59
C HIS C 126 3.72 5.32 -26.19
N PHE C 127 3.74 6.57 -25.72
CA PHE C 127 4.25 6.89 -24.40
C PHE C 127 3.86 8.30 -23.97
N LEU C 128 4.02 8.57 -22.69
CA LEU C 128 3.67 9.88 -22.13
C LEU C 128 4.93 10.63 -21.72
N VAL C 129 4.95 11.94 -21.96
CA VAL C 129 6.09 12.78 -21.59
C VAL C 129 5.50 14.01 -20.89
N ALA C 130 6.12 14.47 -19.81
CA ALA C 130 5.63 15.64 -19.08
C ALA C 130 5.59 16.86 -19.99
N GLU C 131 4.53 17.64 -19.90
CA GLU C 131 4.37 18.83 -20.74
C GLU C 131 5.44 19.90 -20.53
N TRP C 132 5.95 19.98 -19.29
CA TRP C 132 6.98 20.97 -18.96
C TRP C 132 8.38 20.52 -19.35
N ASN C 133 8.61 19.20 -19.32
CA ASN C 133 9.92 18.64 -19.64
C ASN C 133 10.27 18.75 -21.13
N GLU C 134 10.46 19.98 -21.59
CA GLU C 134 10.80 20.25 -23.00
C GLU C 134 12.04 19.49 -23.48
N PRO C 135 13.05 19.32 -22.61
CA PRO C 135 14.27 18.59 -23.01
C PRO C 135 13.95 17.14 -23.36
N SER C 136 13.07 16.52 -22.60
CA SER C 136 12.70 15.13 -22.86
C SER C 136 11.91 15.03 -24.17
N ILE C 137 11.07 16.02 -24.42
CA ILE C 137 10.26 16.07 -25.63
C ILE C 137 11.14 16.17 -26.87
N ASN C 138 12.16 17.03 -26.81
CA ASN C 138 13.08 17.18 -27.93
C ASN C 138 13.87 15.90 -28.16
N PHE C 139 14.17 15.19 -27.08
CA PHE C 139 14.91 13.95 -27.16
C PHE C 139 14.14 12.96 -28.03
N TYR C 140 12.82 12.93 -27.84
CA TYR C 140 11.97 12.03 -28.60
C TYR C 140 11.65 12.54 -30.00
N LYS C 141 11.40 13.83 -30.14
CA LYS C 141 11.09 14.38 -31.46
C LYS C 141 12.27 14.15 -32.40
N ARG C 142 13.47 14.21 -31.84
CA ARG C 142 14.69 14.01 -32.62
C ARG C 142 14.83 12.55 -33.04
N ARG C 143 13.90 11.70 -32.58
CA ARG C 143 13.94 10.30 -32.97
C ARG C 143 12.65 9.90 -33.69
N GLY C 144 11.92 10.89 -34.16
CA GLY C 144 10.71 10.63 -34.91
C GLY C 144 9.37 10.81 -34.19
N ALA C 145 9.40 10.91 -32.86
CA ALA C 145 8.17 11.07 -32.08
C ALA C 145 7.26 12.19 -32.57
N SER C 146 5.96 12.03 -32.36
CA SER C 146 4.97 13.03 -32.75
C SER C 146 4.03 13.26 -31.57
N ASP C 147 3.61 14.50 -31.38
CA ASP C 147 2.72 14.81 -30.27
C ASP C 147 1.29 14.43 -30.65
N LEU C 148 0.70 13.52 -29.88
CA LEU C 148 -0.66 13.09 -30.11
C LEU C 148 -1.64 13.85 -29.21
N GLY C 153 -9.60 16.31 -26.07
CA GLY C 153 -10.62 16.70 -25.12
C GLY C 153 -11.28 15.53 -24.42
N TRP C 154 -10.46 14.65 -23.87
CA TRP C 154 -10.96 13.47 -23.16
C TRP C 154 -10.40 13.46 -21.73
N ARG C 155 -11.22 13.05 -20.78
CA ARG C 155 -10.78 13.00 -19.39
C ARG C 155 -10.70 11.55 -18.91
N LEU C 156 -9.59 11.21 -18.26
CA LEU C 156 -9.38 9.86 -17.73
C LEU C 156 -10.23 9.64 -16.47
N PHE C 157 -11.09 8.62 -16.50
CA PHE C 157 -11.95 8.28 -15.36
C PHE C 157 -11.62 6.89 -14.82
N LYS C 158 -11.87 6.68 -13.53
CA LYS C 158 -11.61 5.38 -12.91
C LYS C 158 -12.75 4.90 -12.04
N ILE C 159 -12.83 3.59 -11.88
CA ILE C 159 -13.83 2.94 -11.06
C ILE C 159 -13.05 1.92 -10.23
N ASP C 160 -12.91 2.19 -8.93
CA ASP C 160 -12.16 1.31 -8.04
C ASP C 160 -12.87 0.03 -7.66
N LYS C 161 -12.05 -0.94 -7.27
CA LYS C 161 -12.47 -2.26 -6.81
C LYS C 161 -13.82 -2.23 -6.11
N GLU C 162 -13.91 -1.41 -5.06
CA GLU C 162 -15.13 -1.28 -4.28
C GLU C 162 -16.36 -1.15 -5.16
N TYR C 163 -16.27 -0.30 -6.18
CA TYR C 163 -17.41 -0.10 -7.08
C TYR C 163 -17.52 -1.18 -8.16
N LEU C 164 -16.43 -1.89 -8.42
CA LEU C 164 -16.44 -2.97 -9.39
C LEU C 164 -17.07 -4.17 -8.70
N LEU C 165 -16.76 -4.34 -7.42
CA LEU C 165 -17.34 -5.44 -6.65
C LEU C 165 -18.85 -5.23 -6.56
N LYS C 166 -19.24 -3.98 -6.35
CA LYS C 166 -20.64 -3.61 -6.23
C LYS C 166 -21.44 -3.99 -7.47
N MET C 167 -20.95 -3.57 -8.64
CA MET C 167 -21.63 -3.87 -9.90
C MET C 167 -21.58 -5.36 -10.25
N ALA C 168 -20.45 -5.99 -9.97
CA ALA C 168 -20.28 -7.41 -10.27
C ALA C 168 -21.31 -8.27 -9.55
N ALA C 169 -21.75 -7.80 -8.39
CA ALA C 169 -22.74 -8.51 -7.58
C ALA C 169 -24.15 -8.30 -8.14
N LYS D 3 -34.37 -10.25 -23.23
CA LYS D 3 -34.39 -9.64 -24.59
C LYS D 3 -32.99 -9.32 -25.12
N PHE D 4 -31.97 -9.84 -24.46
CA PHE D 4 -30.58 -9.65 -24.91
C PHE D 4 -29.63 -10.49 -24.08
N LYS D 5 -28.48 -10.81 -24.65
CA LYS D 5 -27.46 -11.60 -23.95
C LYS D 5 -26.08 -10.96 -24.06
N ILE D 6 -25.45 -10.73 -22.91
CA ILE D 6 -24.11 -10.19 -22.92
C ILE D 6 -23.21 -11.40 -22.90
N ARG D 7 -22.18 -11.41 -23.75
CA ARG D 7 -21.28 -12.54 -23.82
C ARG D 7 -19.95 -12.15 -24.46
N PRO D 8 -18.94 -13.02 -24.33
CA PRO D 8 -17.62 -12.77 -24.92
C PRO D 8 -17.73 -12.87 -26.45
N ALA D 9 -16.91 -12.12 -27.17
CA ALA D 9 -16.94 -12.17 -28.64
C ALA D 9 -16.34 -13.48 -29.17
N THR D 10 -16.63 -13.77 -30.43
CA THR D 10 -16.12 -14.95 -31.08
C THR D 10 -15.53 -14.45 -32.40
N ALA D 11 -14.65 -15.23 -33.01
CA ALA D 11 -14.06 -14.84 -34.30
C ALA D 11 -15.13 -14.39 -35.28
N SER D 12 -16.31 -15.04 -35.25
CA SER D 12 -17.39 -14.67 -36.18
C SER D 12 -18.12 -13.37 -35.80
N ASP D 13 -17.74 -12.75 -34.70
CA ASP D 13 -18.34 -11.49 -34.26
C ASP D 13 -17.57 -10.29 -34.86
N CYS D 14 -16.34 -10.55 -35.32
CA CYS D 14 -15.49 -9.48 -35.87
C CYS D 14 -16.13 -8.52 -36.87
N SER D 15 -16.93 -9.05 -37.79
CA SER D 15 -17.60 -8.19 -38.76
C SER D 15 -18.45 -7.16 -37.99
N ASP D 16 -19.21 -7.66 -37.01
CA ASP D 16 -20.07 -6.80 -36.18
C ASP D 16 -19.25 -5.84 -35.32
N ILE D 17 -18.09 -6.29 -34.84
CA ILE D 17 -17.24 -5.44 -34.01
C ILE D 17 -16.76 -4.27 -34.89
N LEU D 18 -16.38 -4.57 -36.12
CA LEU D 18 -15.91 -3.55 -37.05
C LEU D 18 -17.04 -2.57 -37.38
N ARG D 19 -18.22 -3.11 -37.65
CA ARG D 19 -19.37 -2.26 -37.95
C ARG D 19 -19.63 -1.31 -36.78
N LEU D 20 -19.54 -1.82 -35.55
CA LEU D 20 -19.77 -0.98 -34.38
C LEU D 20 -18.66 0.06 -34.16
N ILE D 21 -17.42 -0.31 -34.47
CA ILE D 21 -16.29 0.61 -34.33
C ILE D 21 -16.54 1.80 -35.26
N LYS D 22 -16.91 1.47 -36.50
CA LYS D 22 -17.18 2.47 -37.51
C LYS D 22 -18.42 3.30 -37.25
N GLU D 23 -19.40 2.75 -36.53
CA GLU D 23 -20.59 3.53 -36.24
C GLU D 23 -20.26 4.49 -35.12
N LEU D 24 -19.34 4.07 -34.26
CA LEU D 24 -18.90 4.89 -33.14
C LEU D 24 -17.98 6.01 -33.63
N ALA D 25 -17.13 5.70 -34.62
CA ALA D 25 -16.21 6.69 -35.18
C ALA D 25 -17.01 7.76 -35.90
N LYS D 26 -18.04 7.33 -36.62
CA LYS D 26 -18.91 8.26 -37.33
C LYS D 26 -19.64 9.11 -36.29
N TYR D 27 -19.83 8.55 -35.10
CA TYR D 27 -20.49 9.25 -34.01
C TYR D 27 -19.54 10.32 -33.46
N GLU D 28 -18.25 10.16 -33.73
CA GLU D 28 -17.25 11.11 -33.27
C GLU D 28 -16.74 11.94 -34.45
N TYR D 29 -17.40 11.78 -35.60
CA TYR D 29 -17.07 12.51 -36.81
C TYR D 29 -15.71 12.15 -37.43
N MET D 30 -15.53 10.88 -37.76
CA MET D 30 -14.27 10.44 -38.38
C MET D 30 -14.17 8.94 -38.59
N GLU D 31 -15.18 8.35 -39.22
CA GLU D 31 -15.19 6.93 -39.50
C GLU D 31 -14.15 6.60 -40.56
N ASP D 32 -13.70 7.64 -41.27
CA ASP D 32 -12.70 7.48 -42.32
C ASP D 32 -11.33 7.19 -41.74
N GLN D 33 -11.18 7.40 -40.43
CA GLN D 33 -9.90 7.14 -39.77
C GLN D 33 -9.75 5.66 -39.45
N VAL D 34 -10.85 4.92 -39.52
CA VAL D 34 -10.85 3.49 -39.24
C VAL D 34 -10.31 2.70 -40.42
N ILE D 35 -9.10 2.17 -40.27
CA ILE D 35 -8.47 1.39 -41.34
C ILE D 35 -8.39 -0.08 -40.97
N LEU D 36 -8.82 -0.39 -39.76
CA LEU D 36 -8.81 -1.76 -39.27
C LEU D 36 -9.79 -2.57 -40.11
N THR D 37 -9.40 -3.79 -40.47
CA THR D 37 -10.27 -4.67 -41.24
C THR D 37 -10.73 -5.83 -40.36
N GLU D 38 -11.77 -6.52 -40.81
CA GLU D 38 -12.30 -7.67 -40.08
C GLU D 38 -11.17 -8.68 -39.84
N LYS D 39 -10.36 -8.94 -40.86
CA LYS D 39 -9.25 -9.89 -40.71
C LYS D 39 -8.29 -9.40 -39.63
N ASP D 40 -8.08 -8.09 -39.53
CA ASP D 40 -7.19 -7.54 -38.50
C ASP D 40 -7.75 -7.91 -37.13
N LEU D 41 -9.06 -7.71 -36.97
CA LEU D 41 -9.73 -8.01 -35.72
C LEU D 41 -9.66 -9.48 -35.35
N GLN D 42 -9.81 -10.37 -36.34
CA GLN D 42 -9.75 -11.80 -36.11
C GLN D 42 -8.36 -12.28 -35.71
N GLU D 43 -7.34 -11.72 -36.34
CA GLU D 43 -5.97 -12.11 -36.02
C GLU D 43 -5.49 -11.54 -34.69
N ASP D 44 -5.84 -10.29 -34.40
CA ASP D 44 -5.39 -9.64 -33.16
C ASP D 44 -6.18 -9.98 -31.93
N GLY D 45 -7.33 -10.61 -32.10
CA GLY D 45 -8.14 -10.92 -30.94
C GLY D 45 -8.54 -12.36 -30.73
N PHE D 46 -8.16 -13.25 -31.64
CA PHE D 46 -8.55 -14.64 -31.49
C PHE D 46 -7.46 -15.66 -31.72
N GLY D 47 -6.22 -15.24 -31.48
CA GLY D 47 -5.09 -16.13 -31.62
C GLY D 47 -4.65 -16.49 -30.21
N GLU D 48 -3.54 -17.22 -30.07
CA GLU D 48 -3.07 -17.62 -28.75
C GLU D 48 -2.95 -16.40 -27.82
N HIS D 49 -2.42 -15.30 -28.35
CA HIS D 49 -2.25 -14.09 -27.56
C HIS D 49 -3.02 -12.88 -28.10
N PRO D 50 -4.24 -12.65 -27.58
CA PRO D 50 -5.11 -11.54 -28.00
C PRO D 50 -4.57 -10.19 -27.55
N PHE D 51 -4.70 -9.18 -28.41
CA PHE D 51 -4.24 -7.85 -28.06
C PHE D 51 -5.35 -7.01 -27.44
N TYR D 52 -6.57 -7.56 -27.48
CA TYR D 52 -7.74 -6.91 -26.93
C TYR D 52 -8.77 -7.99 -26.62
N HIS D 53 -9.73 -7.67 -25.76
CA HIS D 53 -10.80 -8.60 -25.39
C HIS D 53 -12.10 -7.86 -25.66
N CYS D 54 -13.12 -8.59 -26.06
CA CYS D 54 -14.37 -7.92 -26.37
C CYS D 54 -15.65 -8.56 -25.87
N LEU D 55 -16.56 -7.72 -25.41
CA LEU D 55 -17.85 -8.17 -24.93
C LEU D 55 -18.89 -7.58 -25.90
N VAL D 56 -19.81 -8.43 -26.37
CA VAL D 56 -20.85 -7.99 -27.28
C VAL D 56 -22.23 -8.31 -26.72
N ALA D 57 -23.22 -7.57 -27.20
CA ALA D 57 -24.59 -7.75 -26.77
C ALA D 57 -25.36 -8.30 -27.96
N GLU D 58 -25.97 -9.49 -27.79
CA GLU D 58 -26.72 -10.11 -28.87
C GLU D 58 -28.20 -10.18 -28.56
N VAL D 59 -29.02 -9.77 -29.52
CA VAL D 59 -30.47 -9.76 -29.38
C VAL D 59 -31.10 -10.85 -30.26
N PRO D 60 -32.33 -11.27 -29.93
CA PRO D 60 -33.01 -12.30 -30.72
C PRO D 60 -33.34 -11.80 -32.14
N LYS D 61 -33.63 -12.75 -33.03
CA LYS D 61 -33.94 -12.47 -34.42
C LYS D 61 -34.97 -11.37 -34.63
N GLU D 62 -36.03 -11.38 -33.83
CA GLU D 62 -37.08 -10.38 -33.96
C GLU D 62 -36.60 -8.96 -33.72
N HIS D 63 -35.44 -8.80 -33.08
CA HIS D 63 -34.93 -7.48 -32.78
C HIS D 63 -33.63 -7.11 -33.48
N TRP D 64 -33.29 -7.85 -34.52
CA TRP D 64 -32.07 -7.52 -35.25
C TRP D 64 -32.18 -6.12 -35.82
N THR D 65 -31.05 -5.46 -36.00
CA THR D 65 -31.08 -4.11 -36.53
C THR D 65 -31.71 -4.09 -37.92
N PRO D 66 -32.11 -2.91 -38.39
CA PRO D 66 -32.72 -2.77 -39.72
C PRO D 66 -31.79 -3.34 -40.79
N GLU D 67 -30.49 -3.18 -40.57
CA GLU D 67 -29.50 -3.69 -41.53
C GLU D 67 -29.30 -5.20 -41.44
N GLY D 68 -30.06 -5.85 -40.55
CA GLY D 68 -29.99 -7.29 -40.40
C GLY D 68 -28.88 -7.83 -39.49
N HIS D 69 -28.56 -7.12 -38.42
CA HIS D 69 -27.51 -7.58 -37.53
C HIS D 69 -27.95 -7.96 -36.11
N SER D 70 -27.25 -8.94 -35.57
CA SER D 70 -27.49 -9.52 -34.25
C SER D 70 -26.88 -8.72 -33.10
N ILE D 71 -25.71 -8.12 -33.33
CA ILE D 71 -24.99 -7.40 -32.30
C ILE D 71 -25.35 -5.91 -32.24
N VAL D 72 -25.78 -5.46 -31.07
CA VAL D 72 -26.17 -4.06 -30.91
C VAL D 72 -25.31 -3.26 -29.93
N GLY D 73 -24.24 -3.86 -29.43
CA GLY D 73 -23.39 -3.17 -28.49
C GLY D 73 -22.14 -3.99 -28.17
N PHE D 74 -21.13 -3.34 -27.61
CA PHE D 74 -19.90 -4.03 -27.26
C PHE D 74 -19.04 -3.15 -26.38
N ALA D 75 -18.01 -3.76 -25.81
CA ALA D 75 -17.02 -3.08 -25.00
C ALA D 75 -15.72 -3.76 -25.43
N MET D 76 -14.66 -2.98 -25.58
CA MET D 76 -13.37 -3.52 -25.97
C MET D 76 -12.42 -3.13 -24.84
N TYR D 77 -11.57 -4.06 -24.42
CA TYR D 77 -10.67 -3.78 -23.32
C TYR D 77 -9.42 -4.65 -23.37
N TYR D 78 -8.45 -4.26 -22.55
CA TYR D 78 -7.20 -5.00 -22.43
C TYR D 78 -6.62 -4.72 -21.05
N PHE D 79 -5.55 -5.37 -20.69
CA PHE D 79 -5.00 -5.16 -19.37
C PHE D 79 -3.77 -4.29 -19.46
N THR D 80 -3.66 -3.34 -18.53
CA THR D 80 -2.51 -2.45 -18.51
C THR D 80 -1.84 -2.55 -17.16
N TYR D 81 -0.67 -1.94 -17.03
CA TYR D 81 0.06 -1.98 -15.78
C TYR D 81 0.52 -0.60 -15.37
N ASP D 82 0.35 -0.28 -14.10
CA ASP D 82 0.78 0.99 -13.54
C ASP D 82 1.91 0.65 -12.55
N PRO D 83 3.07 1.30 -12.70
CA PRO D 83 4.24 1.08 -11.84
C PRO D 83 4.02 1.21 -10.33
N TRP D 84 3.04 2.01 -9.92
CA TRP D 84 2.79 2.19 -8.49
C TRP D 84 1.72 1.28 -7.91
N ILE D 85 0.63 1.07 -8.64
CA ILE D 85 -0.48 0.25 -8.15
C ILE D 85 -0.70 -1.08 -8.86
N GLY D 86 0.07 -1.32 -9.92
CA GLY D 86 -0.06 -2.57 -10.63
C GLY D 86 -1.15 -2.74 -11.66
N LYS D 87 -1.70 -3.95 -11.71
CA LYS D 87 -2.74 -4.37 -12.65
C LYS D 87 -3.96 -3.47 -12.75
N LEU D 88 -4.33 -3.16 -13.99
CA LEU D 88 -5.49 -2.32 -14.27
C LEU D 88 -6.27 -2.87 -15.45
N LEU D 89 -7.59 -2.78 -15.39
CA LEU D 89 -8.39 -3.22 -16.54
C LEU D 89 -8.65 -1.91 -17.28
N TYR D 90 -8.23 -1.85 -18.54
CA TYR D 90 -8.43 -0.62 -19.30
C TYR D 90 -9.53 -0.77 -20.34
N LEU D 91 -10.60 -0.01 -20.16
CA LEU D 91 -11.74 -0.04 -21.07
C LEU D 91 -11.45 0.89 -22.25
N GLU D 92 -11.14 0.31 -23.40
CA GLU D 92 -10.80 1.10 -24.60
C GLU D 92 -12.00 1.73 -25.27
N ASP D 93 -13.03 0.93 -25.55
CA ASP D 93 -14.23 1.45 -26.18
C ASP D 93 -15.49 0.78 -25.66
N PHE D 94 -16.57 1.55 -25.66
CA PHE D 94 -17.86 1.12 -25.13
C PHE D 94 -18.96 1.75 -25.98
N PHE D 95 -19.88 0.94 -26.51
CA PHE D 95 -20.94 1.47 -27.36
C PHE D 95 -22.18 0.60 -27.45
N VAL D 96 -23.33 1.25 -27.47
CA VAL D 96 -24.62 0.59 -27.61
C VAL D 96 -25.35 1.39 -28.71
N MET D 97 -25.89 0.70 -29.70
CA MET D 97 -26.61 1.38 -30.78
C MET D 97 -27.79 2.21 -30.25
N SER D 98 -27.97 3.40 -30.83
CA SER D 98 -29.04 4.32 -30.44
C SER D 98 -30.39 3.72 -30.09
N ASP D 99 -30.91 2.91 -31.01
CA ASP D 99 -32.22 2.28 -30.83
C ASP D 99 -32.25 1.24 -29.74
N TYR D 100 -31.08 0.86 -29.21
CA TYR D 100 -31.04 -0.16 -28.19
C TYR D 100 -30.59 0.32 -26.80
N ARG D 101 -30.55 1.63 -26.63
CA ARG D 101 -30.15 2.20 -25.35
C ARG D 101 -31.35 2.30 -24.41
N GLY D 102 -31.10 2.42 -23.13
CA GLY D 102 -32.18 2.53 -22.16
C GLY D 102 -32.89 1.24 -21.78
N PHE D 103 -32.43 0.11 -22.29
CA PHE D 103 -33.05 -1.17 -21.95
C PHE D 103 -32.25 -1.95 -20.92
N GLY D 104 -31.04 -1.48 -20.59
CA GLY D 104 -30.22 -2.15 -19.61
C GLY D 104 -28.96 -2.82 -20.15
N ILE D 105 -28.76 -2.72 -21.46
CA ILE D 105 -27.61 -3.33 -22.12
C ILE D 105 -26.28 -2.81 -21.57
N GLY D 106 -26.09 -1.50 -21.60
CA GLY D 106 -24.86 -0.91 -21.10
C GLY D 106 -24.54 -1.25 -19.65
N SER D 107 -25.57 -1.31 -18.80
CA SER D 107 -25.37 -1.61 -17.39
C SER D 107 -24.88 -3.03 -17.22
N GLU D 108 -25.41 -3.92 -18.06
CA GLU D 108 -25.06 -5.33 -18.04
C GLU D 108 -23.62 -5.58 -18.52
N ILE D 109 -23.19 -4.87 -19.56
CA ILE D 109 -21.83 -5.01 -20.07
C ILE D 109 -20.87 -4.50 -18.99
N LEU D 110 -21.25 -3.39 -18.36
CA LEU D 110 -20.45 -2.81 -17.29
C LEU D 110 -20.31 -3.84 -16.16
N LYS D 111 -21.40 -4.55 -15.88
CA LYS D 111 -21.38 -5.57 -14.83
C LYS D 111 -20.42 -6.71 -15.21
N ASN D 112 -20.49 -7.16 -16.47
CA ASN D 112 -19.60 -8.23 -16.91
C ASN D 112 -18.15 -7.80 -16.87
N LEU D 113 -17.90 -6.51 -17.15
CA LEU D 113 -16.55 -5.97 -17.12
C LEU D 113 -16.05 -5.97 -15.68
N SER D 114 -16.93 -5.60 -14.76
CA SER D 114 -16.61 -5.58 -13.34
C SER D 114 -16.22 -6.97 -12.85
N GLN D 115 -16.91 -8.01 -13.35
CA GLN D 115 -16.61 -9.38 -12.94
C GLN D 115 -15.25 -9.81 -13.49
N VAL D 116 -14.90 -9.36 -14.68
CA VAL D 116 -13.59 -9.67 -15.25
C VAL D 116 -12.50 -8.98 -14.40
N ALA D 117 -12.70 -7.71 -14.08
CA ALA D 117 -11.73 -6.98 -13.27
C ALA D 117 -11.54 -7.61 -11.89
N MET D 118 -12.63 -8.02 -11.25
CA MET D 118 -12.51 -8.62 -9.94
C MET D 118 -11.89 -10.01 -10.03
N LYS D 119 -12.22 -10.75 -11.08
CA LYS D 119 -11.67 -12.10 -11.27
C LYS D 119 -10.14 -12.04 -11.43
N CYS D 120 -9.65 -11.06 -12.20
CA CYS D 120 -8.22 -10.93 -12.42
C CYS D 120 -7.53 -10.14 -11.32
N ARG D 121 -8.30 -9.69 -10.34
CA ARG D 121 -7.77 -8.94 -9.21
C ARG D 121 -7.19 -7.59 -9.60
N CYS D 122 -7.81 -6.92 -10.57
CA CYS D 122 -7.34 -5.61 -11.00
C CYS D 122 -7.84 -4.62 -9.93
N SER D 123 -7.01 -3.66 -9.55
CA SER D 123 -7.41 -2.69 -8.52
C SER D 123 -8.38 -1.64 -9.04
N SER D 124 -8.51 -1.54 -10.36
CA SER D 124 -9.37 -0.52 -10.90
C SER D 124 -9.55 -0.68 -12.41
N MET D 125 -10.56 -0.01 -12.93
CA MET D 125 -10.86 -0.01 -14.35
C MET D 125 -10.78 1.44 -14.81
N HIS D 126 -9.91 1.71 -15.78
CA HIS D 126 -9.73 3.06 -16.29
C HIS D 126 -10.28 3.19 -17.72
N PHE D 127 -10.77 4.37 -18.05
CA PHE D 127 -11.31 4.64 -19.37
C PHE D 127 -11.38 6.15 -19.60
N LEU D 128 -11.56 6.56 -20.85
CA LEU D 128 -11.62 7.98 -21.20
C LEU D 128 -13.05 8.42 -21.43
N VAL D 129 -13.38 9.62 -20.95
CA VAL D 129 -14.72 10.17 -21.12
C VAL D 129 -14.64 11.54 -21.81
N ALA D 130 -15.54 11.77 -22.76
CA ALA D 130 -15.57 13.03 -23.49
C ALA D 130 -15.99 14.11 -22.49
N GLU D 131 -15.05 15.00 -22.16
CA GLU D 131 -15.31 16.04 -21.16
C GLU D 131 -16.42 17.02 -21.46
N TRP D 132 -16.94 17.02 -22.68
CA TRP D 132 -18.02 17.93 -23.02
C TRP D 132 -19.39 17.28 -22.80
N ASN D 133 -19.42 15.95 -22.88
CA ASN D 133 -20.64 15.16 -22.72
C ASN D 133 -21.05 15.00 -21.25
N GLU D 134 -21.80 15.96 -20.74
CA GLU D 134 -22.27 15.95 -19.35
C GLU D 134 -23.00 14.65 -18.95
N PRO D 135 -23.91 14.17 -19.82
CA PRO D 135 -24.67 12.94 -19.54
C PRO D 135 -23.79 11.70 -19.40
N SER D 136 -22.86 11.53 -20.34
CA SER D 136 -21.95 10.39 -20.35
C SER D 136 -21.17 10.36 -19.04
N ILE D 137 -20.69 11.52 -18.61
CA ILE D 137 -19.94 11.61 -17.36
C ILE D 137 -20.82 11.10 -16.23
N ASN D 138 -22.00 11.70 -16.11
CA ASN D 138 -22.94 11.31 -15.06
C ASN D 138 -23.30 9.82 -15.12
N PHE D 139 -23.29 9.25 -16.33
CA PHE D 139 -23.61 7.83 -16.45
C PHE D 139 -22.57 7.03 -15.69
N TYR D 140 -21.30 7.41 -15.82
CA TYR D 140 -20.23 6.72 -15.13
C TYR D 140 -20.14 7.13 -13.66
N LYS D 141 -20.47 8.39 -13.38
CA LYS D 141 -20.45 8.93 -12.03
C LYS D 141 -21.38 8.15 -11.12
N ARG D 142 -22.59 7.90 -11.62
CA ARG D 142 -23.61 7.17 -10.87
C ARG D 142 -23.15 5.77 -10.56
N ARG D 143 -22.08 5.34 -11.22
CA ARG D 143 -21.58 4.00 -11.03
C ARG D 143 -20.22 3.94 -10.35
N GLY D 144 -19.89 5.01 -9.63
CA GLY D 144 -18.64 5.06 -8.90
C GLY D 144 -17.43 5.60 -9.63
N ALA D 145 -17.61 6.12 -10.84
CA ALA D 145 -16.48 6.66 -11.58
C ALA D 145 -16.07 8.01 -11.00
N SER D 146 -14.77 8.24 -10.90
CA SER D 146 -14.27 9.49 -10.37
C SER D 146 -13.17 10.04 -11.29
N ASP D 147 -13.10 11.37 -11.43
CA ASP D 147 -12.08 11.99 -12.29
C ASP D 147 -10.72 11.54 -11.81
N LEU D 148 -9.75 11.56 -12.72
CA LEU D 148 -8.39 11.14 -12.39
C LEU D 148 -7.35 12.07 -13.01
N GLY D 153 -0.82 16.57 -15.93
CA GLY D 153 -0.41 17.18 -17.19
C GLY D 153 0.64 16.39 -17.97
N TRP D 154 0.22 15.28 -18.60
CA TRP D 154 1.12 14.46 -19.41
C TRP D 154 0.68 14.52 -20.86
N ARG D 155 1.64 14.58 -21.79
CA ARG D 155 1.32 14.64 -23.20
C ARG D 155 1.64 13.36 -23.94
N LEU D 156 0.65 12.85 -24.68
CA LEU D 156 0.82 11.61 -25.42
C LEU D 156 1.68 11.79 -26.68
N PHE D 157 2.60 10.85 -26.89
CA PHE D 157 3.50 10.89 -28.03
C PHE D 157 3.54 9.52 -28.71
N LYS D 158 3.97 9.51 -29.96
CA LYS D 158 4.06 8.26 -30.70
C LYS D 158 5.23 8.25 -31.66
N ILE D 159 5.79 7.06 -31.85
CA ILE D 159 6.87 6.88 -32.80
C ILE D 159 6.40 5.79 -33.76
N ASP D 160 6.01 6.21 -34.97
CA ASP D 160 5.52 5.30 -36.00
C ASP D 160 6.50 4.21 -36.40
N LYS D 161 5.97 3.21 -37.09
CA LYS D 161 6.75 2.08 -37.57
C LYS D 161 7.97 2.59 -38.32
N GLU D 162 7.75 3.55 -39.21
CA GLU D 162 8.82 4.13 -40.02
C GLU D 162 10.06 4.39 -39.18
N TYR D 163 9.90 5.15 -38.11
CA TYR D 163 11.01 5.50 -37.24
C TYR D 163 11.48 4.37 -36.33
N LEU D 164 10.57 3.50 -35.90
CA LEU D 164 10.98 2.38 -35.06
C LEU D 164 11.85 1.48 -35.92
N LEU D 165 11.45 1.35 -37.18
CA LEU D 165 12.17 0.54 -38.14
C LEU D 165 13.61 1.04 -38.24
N LYS D 166 13.76 2.36 -38.26
CA LYS D 166 15.08 2.97 -38.34
C LYS D 166 15.91 2.56 -37.13
N MET D 167 15.39 2.78 -35.93
CA MET D 167 16.13 2.39 -34.73
C MET D 167 16.31 0.87 -34.72
N1A COA E . 29.04 17.85 9.91
C2A COA E . 29.02 18.71 11.11
N3A COA E . 28.24 18.43 12.25
C4A COA E . 27.49 17.27 12.16
C5A COA E . 27.40 16.31 11.04
C6A COA E . 28.25 16.65 9.84
N6A COA E . 28.26 15.90 8.79
N7A COA E . 26.57 15.29 11.29
C8A COA E . 26.10 15.52 12.51
N9A COA E . 26.61 16.71 13.13
C1B COA E . 26.45 17.45 14.44
C2B COA E . 25.54 18.60 14.27
O2B COA E . 25.69 19.68 15.17
C3B COA E . 24.16 18.04 14.28
O3B COA E . 22.93 18.72 14.93
P3B COA E . 21.76 19.14 13.85
O7A COA E . 20.38 19.42 14.56
O8A COA E . 21.62 17.94 12.85
O9A COA E . 22.32 20.44 13.10
C4B COA E . 24.25 16.70 15.17
O4B COA E . 25.78 16.44 15.24
C5B COA E . 23.23 15.70 14.82
O5B COA E . 23.67 14.59 15.68
P1A COA E . 24.26 13.28 14.84
O1A COA E . 25.73 13.25 14.94
O2A COA E . 23.74 13.28 13.44
O3A COA E . 23.82 12.15 15.69
P2A COA E . 24.22 11.44 17.05
O4A COA E . 25.24 10.43 16.84
O5A COA E . 24.70 12.49 18.01
O6A COA E . 22.79 10.87 17.56
CBP COA E . 21.52 10.97 19.69
CCP COA E . 21.82 11.63 18.27
CDP COA E . 20.41 11.82 20.43
CEP COA E . 21.01 9.58 19.34
CAP COA E . 22.88 10.97 20.65
OAP COA E . 23.31 12.34 20.95
C9P COA E . 22.76 10.21 22.02
O9P COA E . 22.75 8.87 22.01
N8P COA E . 22.22 10.89 23.01
C7P COA E . 22.85 11.11 24.32
C6P COA E . 22.53 9.93 25.25
C5P COA E . 21.25 10.15 26.06
O5P COA E . 21.27 10.42 27.36
N4P COA E . 20.15 10.17 25.33
C3P COA E . 19.37 8.92 24.88
C2P COA E . 17.90 9.23 24.96
S1P COA E . 17.04 9.14 23.32
N1A COA F . -23.61 0.54 41.06
C2A COA F . -22.21 0.97 41.20
N3A COA F . -21.12 0.15 40.85
C4A COA F . -21.44 -1.09 40.35
C5A COA F . -22.79 -1.67 40.15
C6A COA F . -23.92 -0.77 40.54
N6A COA F . -25.15 -1.15 40.41
N7A COA F . -22.74 -2.92 39.64
C8A COA F . -21.44 -3.19 39.50
N9A COA F . -20.58 -2.11 39.91
C1B COA F . -19.13 -1.84 39.99
C2B COA F . -18.56 -3.00 40.68
O2B COA F . -18.30 -2.86 42.06
C3B COA F . -17.37 -3.43 39.91
O3B COA F . -15.95 -2.98 40.29
P3B COA F . -15.27 -3.94 41.46
O7A COA F . -15.59 -5.47 41.21
O8A COA F . -15.87 -3.48 42.84
O9A COA F . -13.70 -3.62 41.37
C4B COA F . -17.53 -2.73 38.44
O4B COA F . -18.82 -1.93 38.57
C5B COA F . -16.99 -3.46 37.25
O5B COA F . -17.88 -4.67 37.17
P1A COA F . -17.85 -5.47 35.69
O1A COA F . -19.25 -5.70 35.28
O2A COA F . -17.05 -6.71 35.79
O3A COA F . -17.36 -4.49 34.64
P2A COA F . -18.01 -3.51 33.55
O4A COA F . -19.06 -2.73 34.14
O5A COA F . -18.56 -4.32 32.43
O6A COA F . -16.73 -2.70 32.97
CBP COA F . -15.72 -0.47 33.41
CCP COA F . -15.79 -2.02 33.78
CDP COA F . -14.91 0.30 34.54
CEP COA F . -14.98 -0.45 32.08
CAP COA F . -17.24 0.19 33.33
OAP COA F . -18.04 -0.17 34.50
C9P COA F . -17.31 1.74 33.17
O9P COA F . -16.98 2.30 32.00
N8P COA F . -17.67 2.44 34.22
C7P COA F . -17.82 3.90 34.24
C6P COA F . -18.69 4.34 35.42
C5P COA F . -20.03 3.59 35.48
O5P COA F . -20.72 3.24 34.41
N4P COA F . -20.26 3.09 36.66
C3P COA F . -20.16 1.61 36.96
C2P COA F . -21.54 1.15 37.27
S1P COA F . -21.78 -0.63 36.90
N1 SPM G . 7.57 7.25 -20.58
C2 SPM G . 8.23 8.28 -19.76
C3 SPM G . 7.57 8.44 -18.36
C4 SPM G . 6.03 8.29 -18.42
N5 SPM G . 5.47 8.51 -17.08
C6 SPM G . 4.00 8.55 -17.22
C7 SPM G . 3.33 8.47 -15.84
C8 SPM G . 1.81 8.59 -16.01
C9 SPM G . 1.08 8.19 -14.72
N10 SPM G . -0.21 7.71 -15.06
C11 SPM G . -1.28 6.92 -14.41
C12 SPM G . -2.15 6.44 -15.51
C13 SPM G . -3.06 5.32 -15.01
N14 SPM G . -3.75 4.68 -16.16
N1A COA H . 22.11 13.78 -18.84
C2A COA H . 20.98 14.11 -19.72
N3A COA H . 20.91 13.71 -21.06
C4A COA H . 22.00 12.98 -21.52
C5A COA H . 23.19 12.57 -20.76
C6A COA H . 23.23 13.02 -19.32
N6A COA H . 24.22 12.72 -18.53
N7A COA H . 24.06 11.87 -21.50
C8A COA H . 23.49 11.79 -22.70
N9A COA H . 22.23 12.44 -22.79
C1B COA H . 21.16 12.67 -23.82
C2B COA H . 21.79 13.18 -25.06
O2B COA H . 21.09 14.15 -25.79
C3B COA H . 22.14 11.99 -25.86
O3B COA H . 22.04 11.98 -27.41
P3B COA H . 23.51 11.90 -28.16
O7A COA H . 23.77 10.44 -28.74
O8A COA H . 24.62 12.26 -27.09
O9A COA H . 23.45 13.01 -29.31
C4B COA H . 21.01 10.89 -25.44
O4B COA H . 20.76 11.29 -23.99
C5B COA H . 21.29 9.50 -25.90
O5B COA H . 22.46 9.17 -25.02
P1A COA H . 22.45 7.61 -24.47
O1A COA H . 23.66 7.39 -23.65
O2A COA H . 22.33 6.68 -25.62
O3A COA H . 21.32 7.57 -23.50
P2A COA H . 21.09 7.53 -21.93
O4A COA H . 21.50 6.27 -21.35
O5A COA H . 21.88 8.65 -21.33
O6A COA H . 19.51 7.90 -21.84
CBP COA H . 17.55 9.12 -20.82
CCP COA H . 18.85 8.20 -20.62
CDP COA H . 17.62 9.95 -22.17
CEP COA H . 16.42 8.10 -20.86
CAP COA H . 17.38 10.25 -19.59
OAP COA H . 17.12 9.63 -18.27
C9P COA H . 18.57 11.25 -19.38
O9P COA H . 19.77 10.99 -19.98
N8P COA H . 18.35 12.40 -18.77
C7P COA H . 17.04 12.89 -18.29
C6P COA H . 16.67 14.19 -19.01
C5P COA H . 16.23 13.93 -20.44
O5P COA H . 15.24 13.14 -20.75
N4P COA H . 17.12 14.33 -21.31
C3P COA H . 16.80 15.03 -22.63
C2P COA H . 18.03 15.76 -23.05
S1P COA H . 18.72 16.85 -21.72
N1A COA I . -36.35 0.63 -17.61
C2A COA I . -36.05 2.04 -17.29
N3A COA I . -34.74 2.54 -17.24
C4A COA I . -33.73 1.63 -17.52
C5A COA I . -33.88 0.20 -17.85
C6A COA I . -35.31 -0.31 -17.89
N6A COA I . -35.57 -1.55 -18.18
N7A COA I . -32.70 -0.41 -18.06
C8A COA I . -31.79 0.55 -17.88
N9A COA I . -32.34 1.82 -17.54
C1B COA I . -31.84 3.18 -17.22
C2B COA I . -30.62 2.99 -16.43
O2B COA I . -30.75 2.87 -15.06
C3B COA I . -29.73 4.08 -16.87
O3B COA I . -29.91 5.55 -16.43
P3B COA I . -29.15 5.92 -15.01
O7A COA I . -29.26 7.46 -14.69
O8A COA I . -27.65 5.51 -15.18
O9A COA I . -29.88 5.03 -13.89
C4B COA I . -30.05 4.20 -18.47
O4B COA I . -31.47 3.60 -18.56
C5B COA I . -28.91 3.91 -19.38
O5B COA I . -28.44 2.61 -18.81
P1A COA I . -28.39 1.37 -19.89
O1A COA I . -29.62 1.36 -20.70
O2A COA I . -28.17 0.13 -19.14
O3A COA I . -27.32 1.78 -20.84
P2A COA I . -27.11 1.91 -22.42
O4A COA I . -27.84 3.03 -22.95
O5A COA I . -27.57 0.63 -23.05
O6A COA I . -25.52 2.00 -22.53
CBP COA I . -23.89 3.83 -23.04
CCP COA I . -24.76 3.06 -21.96
CDP COA I . -23.32 5.15 -22.39
CEP COA I . -22.78 2.85 -23.38
CAP COA I . -24.80 4.28 -24.37
OAP COA I . -25.87 5.21 -24.00
C9P COA I . -23.98 4.91 -25.57
O9P COA I . -23.39 4.06 -26.44
N8P COA I . -23.58 6.15 -25.42
C7P COA I . -23.31 7.10 -26.54
C6P COA I . -22.03 6.70 -27.32
C5P COA I . -20.74 6.97 -26.53
O5P COA I . -20.02 8.07 -26.70
N4P COA I . -20.26 5.89 -25.92
C3P COA I . -19.70 5.88 -24.49
C2P COA I . -18.21 6.06 -24.55
S1P COA I . -17.53 7.19 -23.25
#